data_7ZH7
#
_entry.id   7ZH7
#
_cell.length_a   1.00
_cell.length_b   1.00
_cell.length_c   1.00
_cell.angle_alpha   90.00
_cell.angle_beta   90.00
_cell.angle_gamma   90.00
#
_symmetry.space_group_name_H-M   'P 1'
#
_entity_poly.entity_id   1
_entity_poly.type   'polypeptide(L)'
_entity_poly.pdbx_seq_one_letter_code
;MKLFTGLVFCSLVLGVSSEWYSFLGEAAQGAWDMWRAYSDMREANYIGADKYFHARGNYDAAQRGPGGAWAAKVISDARE
NSQRVTDFFRHGNSGHGAEDSKADQEANEWGRSGKDPNHYRPEGLPDKY
;
_entity_poly.pdbx_strand_id   A,B,C,D,E,F,G,H,I,J
#
# COMPACT_ATOMS: atom_id res chain seq x y z
N GLU A 19 -5.90 11.01 -26.96
CA GLU A 19 -5.76 10.01 -25.91
C GLU A 19 -6.10 10.56 -24.54
N TRP A 20 -7.19 10.06 -23.96
CA TRP A 20 -7.66 10.47 -22.64
C TRP A 20 -7.92 9.20 -21.86
N TYR A 21 -7.10 8.90 -20.86
CA TYR A 21 -7.26 7.70 -20.06
C TYR A 21 -7.36 8.03 -18.58
N SER A 22 -8.21 7.29 -17.88
CA SER A 22 -8.34 7.41 -16.43
C SER A 22 -8.51 6.01 -15.86
N PHE A 23 -8.08 5.81 -14.62
CA PHE A 23 -8.17 4.50 -13.99
C PHE A 23 -9.04 4.52 -12.73
N LEU A 24 -8.77 5.47 -11.83
CA LEU A 24 -9.69 5.81 -10.73
C LEU A 24 -9.72 7.34 -10.71
N GLY A 25 -10.79 7.93 -11.24
CA GLY A 25 -10.72 9.36 -11.52
C GLY A 25 -11.98 10.15 -11.32
N GLU A 26 -11.87 11.25 -10.58
CA GLU A 26 -12.94 12.22 -10.42
C GLU A 26 -12.61 13.36 -11.38
N ALA A 27 -13.25 13.34 -12.55
CA ALA A 27 -13.02 14.33 -13.60
C ALA A 27 -14.31 15.04 -13.93
N ALA A 28 -14.31 16.37 -13.82
CA ALA A 28 -15.46 17.20 -14.12
C ALA A 28 -15.09 18.24 -15.17
N GLN A 29 -15.86 18.29 -16.24
CA GLN A 29 -15.61 19.21 -17.35
C GLN A 29 -16.78 20.19 -17.51
N GLY A 30 -17.34 20.66 -16.40
CA GLY A 30 -18.51 21.49 -16.46
C GLY A 30 -18.72 22.31 -15.22
N ALA A 31 -19.97 22.70 -15.00
CA ALA A 31 -20.36 23.62 -13.95
C ALA A 31 -21.27 22.93 -12.92
N TRP A 32 -21.09 23.31 -11.65
CA TRP A 32 -21.92 22.78 -10.57
C TRP A 32 -21.88 21.25 -10.49
N ASP A 33 -20.70 20.67 -10.70
CA ASP A 33 -20.54 19.23 -10.69
C ASP A 33 -19.79 18.73 -9.47
N MET A 34 -20.25 17.58 -8.95
CA MET A 34 -19.64 16.85 -7.83
C MET A 34 -19.48 17.65 -6.55
N TRP A 35 -20.26 18.71 -6.33
CA TRP A 35 -20.14 19.43 -5.07
C TRP A 35 -21.04 18.80 -4.01
N ARG A 36 -20.75 19.10 -2.75
CA ARG A 36 -21.48 18.53 -1.62
C ARG A 36 -21.76 19.63 -0.61
N ALA A 37 -23.04 19.84 -0.28
CA ALA A 37 -23.44 21.02 0.47
C ALA A 37 -23.64 20.81 1.97
N TYR A 38 -24.53 19.89 2.36
CA TYR A 38 -24.95 19.76 3.76
C TYR A 38 -24.56 18.41 4.34
N SER A 39 -23.83 18.44 5.47
CA SER A 39 -23.55 17.26 6.27
C SER A 39 -23.93 17.58 7.71
N ASP A 40 -25.01 16.96 8.20
CA ASP A 40 -25.66 17.34 9.45
C ASP A 40 -25.73 16.15 10.40
N MET A 41 -24.83 16.10 11.39
CA MET A 41 -24.82 15.00 12.36
C MET A 41 -24.76 15.58 13.76
N ARG A 42 -25.94 15.90 14.30
CA ARG A 42 -26.08 16.52 15.62
C ARG A 42 -26.23 15.46 16.72
N GLU A 43 -25.40 15.56 17.75
CA GLU A 43 -25.51 14.69 18.92
C GLU A 43 -25.32 13.22 18.55
N ALA A 44 -24.43 12.97 17.59
CA ALA A 44 -24.33 11.65 16.97
C ALA A 44 -23.90 10.59 17.99
N ASN A 45 -22.92 10.90 18.84
CA ASN A 45 -22.19 9.87 19.60
C ASN A 45 -22.17 10.14 21.10
N TYR A 46 -23.16 9.61 21.81
CA TYR A 46 -23.21 9.63 23.27
C TYR A 46 -22.82 8.27 23.82
N ILE A 47 -21.74 8.24 24.60
CA ILE A 47 -21.18 7.01 25.16
C ILE A 47 -21.31 7.08 26.68
N GLY A 48 -22.11 6.17 27.25
CA GLY A 48 -22.27 6.11 28.69
C GLY A 48 -22.79 7.39 29.30
N ALA A 49 -23.64 8.12 28.58
CA ALA A 49 -24.22 9.36 29.05
C ALA A 49 -25.70 9.17 29.35
N ASP A 50 -26.22 10.01 30.24
CA ASP A 50 -27.63 10.01 30.60
C ASP A 50 -28.22 11.40 30.38
N LYS A 51 -29.54 11.44 30.16
CA LYS A 51 -30.20 12.68 29.79
C LYS A 51 -31.59 12.73 30.39
N TYR A 52 -31.95 13.86 31.00
CA TYR A 52 -33.33 14.16 31.39
C TYR A 52 -33.91 13.05 32.27
N PHE A 53 -33.29 12.85 33.43
CA PHE A 53 -33.70 11.75 34.30
C PHE A 53 -33.71 12.19 35.76
N HIS A 54 -34.37 11.37 36.57
CA HIS A 54 -34.37 11.49 38.02
C HIS A 54 -34.00 10.12 38.59
N ALA A 55 -32.97 10.08 39.42
CA ALA A 55 -32.39 8.82 39.86
C ALA A 55 -32.02 8.87 41.33
N ARG A 56 -32.26 7.77 42.04
CA ARG A 56 -31.97 7.67 43.47
C ARG A 56 -31.30 6.33 43.74
N GLY A 57 -30.10 6.37 44.30
CA GLY A 57 -29.50 5.18 44.91
C GLY A 57 -29.16 4.05 43.97
N ASN A 58 -29.26 4.26 42.66
CA ASN A 58 -28.87 3.22 41.72
C ASN A 58 -27.34 3.12 41.63
N TYR A 59 -26.89 2.02 41.04
CA TYR A 59 -25.46 1.75 40.84
C TYR A 59 -24.72 1.63 42.17
N ASP A 60 -25.39 1.15 43.21
CA ASP A 60 -24.74 0.90 44.49
C ASP A 60 -23.59 -0.09 44.32
N ALA A 61 -22.38 0.36 44.64
CA ALA A 61 -21.18 -0.50 44.61
C ALA A 61 -21.03 -1.21 43.26
N ALA A 62 -21.50 -0.59 42.19
CA ALA A 62 -21.46 -1.18 40.87
C ALA A 62 -20.28 -0.63 40.07
N GLN A 63 -20.00 -1.31 38.95
CA GLN A 63 -18.94 -0.92 38.02
C GLN A 63 -19.57 -0.54 36.70
N ARG A 64 -19.25 0.66 36.20
CA ARG A 64 -19.83 1.14 34.96
C ARG A 64 -18.75 1.59 33.98
N GLY A 65 -18.90 1.18 32.73
CA GLY A 65 -18.03 1.59 31.64
C GLY A 65 -18.20 3.06 31.31
N PRO A 66 -17.38 3.59 30.39
CA PRO A 66 -16.36 2.97 29.51
C PRO A 66 -15.12 2.46 30.23
N GLY A 67 -14.57 1.34 29.79
CA GLY A 67 -13.30 0.87 30.28
C GLY A 67 -12.53 0.10 29.23
N GLY A 68 -11.39 -0.44 29.66
CA GLY A 68 -10.56 -1.26 28.78
C GLY A 68 -9.86 -0.44 27.71
N ALA A 69 -9.76 -1.03 26.52
CA ALA A 69 -9.11 -0.41 25.36
C ALA A 69 -10.17 -0.04 24.32
N TRP A 70 -10.43 1.26 24.16
CA TRP A 70 -11.50 1.69 23.27
C TRP A 70 -11.20 3.08 22.75
N ALA A 71 -11.90 3.45 21.67
CA ALA A 71 -11.77 4.78 21.08
C ALA A 71 -13.08 5.16 20.40
N ALA A 72 -13.44 6.44 20.49
CA ALA A 72 -14.60 7.00 19.82
C ALA A 72 -14.13 8.12 18.91
N LYS A 73 -14.49 8.04 17.62
CA LYS A 73 -14.06 9.00 16.62
C LYS A 73 -15.25 9.47 15.80
N VAL A 74 -15.34 10.78 15.59
CA VAL A 74 -16.36 11.39 14.74
C VAL A 74 -15.65 12.23 13.69
N ILE A 75 -15.88 11.93 12.41
CA ILE A 75 -15.20 12.58 11.30
C ILE A 75 -16.25 12.98 10.27
N SER A 76 -16.08 14.15 9.66
CA SER A 76 -16.97 14.56 8.58
C SER A 76 -16.39 14.23 7.21
N ASP A 77 -15.22 14.77 6.89
CA ASP A 77 -14.57 14.56 5.60
C ASP A 77 -13.12 14.14 5.84
N ALA A 78 -12.69 13.07 5.17
CA ALA A 78 -11.34 12.59 5.38
C ALA A 78 -10.91 11.74 4.18
N ARG A 79 -9.65 11.91 3.79
CA ARG A 79 -9.04 11.15 2.70
C ARG A 79 -7.83 10.41 3.26
N GLU A 80 -7.74 9.12 2.97
CA GLU A 80 -6.62 8.30 3.44
C GLU A 80 -6.11 7.40 2.33
N ASN A 81 -6.10 7.91 1.10
CA ASN A 81 -5.65 7.13 -0.05
C ASN A 81 -4.21 6.67 0.13
N SER A 82 -3.84 5.64 -0.61
CA SER A 82 -2.47 5.18 -0.74
C SER A 82 -2.26 4.63 -2.14
N GLN A 83 -1.06 4.83 -2.69
CA GLN A 83 -0.81 4.42 -4.06
C GLN A 83 0.58 3.81 -4.22
N ARG A 84 0.68 2.88 -5.17
CA ARG A 84 1.90 2.13 -5.46
C ARG A 84 2.14 2.17 -6.97
N VAL A 85 3.07 3.01 -7.41
CA VAL A 85 3.40 3.15 -8.83
C VAL A 85 4.80 2.60 -9.07
N THR A 86 4.91 1.67 -10.02
CA THR A 86 6.18 1.03 -10.35
C THR A 86 6.31 0.82 -11.85
N ASP A 87 7.54 0.97 -12.37
CA ASP A 87 7.88 0.56 -13.73
C ASP A 87 7.03 1.28 -14.78
N PHE A 88 7.17 2.60 -14.83
CA PHE A 88 6.40 3.45 -15.74
C PHE A 88 7.36 4.03 -16.77
N PHE A 89 7.13 3.69 -18.04
CA PHE A 89 7.98 4.10 -19.16
C PHE A 89 7.18 4.94 -20.15
N ARG A 90 7.74 6.09 -20.54
CA ARG A 90 7.08 7.00 -21.46
C ARG A 90 8.07 7.47 -22.51
N HIS A 91 7.69 7.34 -23.77
CA HIS A 91 8.46 7.81 -24.92
C HIS A 91 7.61 8.75 -25.77
N GLY A 92 8.28 9.66 -26.47
CA GLY A 92 7.58 10.63 -27.28
C GLY A 92 7.44 10.23 -28.74
N ASN A 93 7.61 11.18 -29.64
CA ASN A 93 7.47 10.93 -31.07
C ASN A 93 8.81 10.57 -31.70
N SER A 94 8.77 9.59 -32.59
CA SER A 94 9.95 9.20 -33.36
C SER A 94 9.80 9.59 -34.82
N GLU B 19 -2.20 13.65 -24.89
CA GLU B 19 -2.11 12.67 -23.81
C GLU B 19 -2.49 13.25 -22.47
N TRP B 20 -3.60 12.77 -21.91
CA TRP B 20 -4.08 13.22 -20.61
C TRP B 20 -4.37 11.95 -19.81
N TYR B 21 -3.58 11.68 -18.78
CA TYR B 21 -3.76 10.49 -17.96
C TYR B 21 -3.88 10.85 -16.49
N SER B 22 -4.74 10.13 -15.78
CA SER B 22 -4.88 10.29 -14.34
C SER B 22 -5.08 8.91 -13.75
N PHE B 23 -4.67 8.74 -12.50
CA PHE B 23 -4.78 7.44 -11.83
C PHE B 23 -5.64 7.49 -10.59
N LEU B 24 -5.39 8.46 -9.71
CA LEU B 24 -6.31 8.83 -8.63
C LEU B 24 -6.32 10.36 -8.64
N GLY B 25 -7.37 10.96 -9.19
CA GLY B 25 -7.28 12.36 -9.50
C GLY B 25 -8.56 13.17 -9.34
N GLU B 26 -8.44 14.28 -8.62
CA GLU B 26 -9.52 15.26 -8.50
C GLU B 26 -9.18 16.37 -9.48
N ALA B 27 -9.80 16.33 -10.66
CA ALA B 27 -9.55 17.30 -11.72
C ALA B 27 -10.84 18.01 -12.09
N ALA B 28 -10.83 19.33 -12.00
CA ALA B 28 -11.98 20.17 -12.33
C ALA B 28 -11.57 21.18 -13.39
N GLN B 29 -12.32 21.23 -14.48
CA GLN B 29 -12.06 22.14 -15.59
C GLN B 29 -13.20 23.12 -15.78
N GLY B 30 -13.78 23.61 -14.70
CA GLY B 30 -14.94 24.46 -14.79
C GLY B 30 -15.15 25.30 -13.54
N ALA B 31 -16.40 25.70 -13.35
CA ALA B 31 -16.78 26.64 -12.31
C ALA B 31 -17.70 25.98 -11.29
N TRP B 32 -17.54 26.36 -10.02
CA TRP B 32 -18.40 25.86 -8.93
C TRP B 32 -18.38 24.34 -8.84
N ASP B 33 -17.21 23.73 -9.04
CA ASP B 33 -17.07 22.29 -9.00
C ASP B 33 -16.35 21.78 -7.76
N MET B 34 -16.82 20.66 -7.23
CA MET B 34 -16.23 19.95 -6.10
C MET B 34 -16.08 20.77 -4.81
N TRP B 35 -16.86 21.83 -4.62
CA TRP B 35 -16.74 22.59 -3.38
C TRP B 35 -17.65 21.98 -2.32
N ARG B 36 -17.37 22.31 -1.05
CA ARG B 36 -18.12 21.76 0.07
C ARG B 36 -18.40 22.88 1.07
N ALA B 37 -19.68 23.11 1.38
CA ALA B 37 -20.08 24.31 2.11
C ALA B 37 -20.29 24.10 3.61
N TYR B 38 -21.19 23.20 3.99
CA TYR B 38 -21.64 23.09 5.38
C TYR B 38 -21.27 21.75 6.00
N SER B 39 -20.57 21.79 7.13
CA SER B 39 -20.30 20.61 7.95
C SER B 39 -20.70 20.95 9.38
N ASP B 40 -21.79 20.35 9.85
CA ASP B 40 -22.47 20.75 11.10
C ASP B 40 -22.55 19.58 12.06
N MET B 41 -21.67 19.53 13.06
CA MET B 41 -21.69 18.45 14.04
C MET B 41 -21.65 19.05 15.45
N ARG B 42 -22.83 19.38 15.96
CA ARG B 42 -22.98 20.02 17.27
C ARG B 42 -23.15 18.98 18.37
N GLU B 43 -22.34 19.10 19.42
CA GLU B 43 -22.46 18.23 20.60
C GLU B 43 -22.28 16.76 20.24
N ALA B 44 -21.37 16.49 19.30
CA ALA B 44 -21.28 15.16 18.71
C ALA B 44 -20.87 14.11 19.74
N ASN B 45 -19.92 14.43 20.62
CA ASN B 45 -19.20 13.40 21.40
C ASN B 45 -19.22 13.69 22.91
N TYR B 46 -20.22 13.15 23.60
CA TYR B 46 -20.31 13.19 25.06
C TYR B 46 -19.92 11.84 25.65
N ILE B 47 -18.86 11.83 26.45
CA ILE B 47 -18.31 10.60 27.04
C ILE B 47 -18.46 10.70 28.54
N GLY B 48 -19.27 9.82 29.13
CA GLY B 48 -19.45 9.79 30.56
C GLY B 48 -19.97 11.09 31.13
N ALA B 49 -20.81 11.80 30.39
CA ALA B 49 -21.39 13.07 30.83
C ALA B 49 -22.87 12.89 31.12
N ASP B 50 -23.39 13.76 31.98
CA ASP B 50 -24.80 13.77 32.32
C ASP B 50 -25.38 15.16 32.06
N LYS B 51 -26.69 15.21 31.82
CA LYS B 51 -27.34 16.45 31.42
C LYS B 51 -28.74 16.52 32.00
N TYR B 52 -29.09 17.66 32.59
CA TYR B 52 -30.47 17.98 32.95
C TYR B 52 -31.08 16.90 33.84
N PHE B 53 -30.48 16.70 35.01
CA PHE B 53 -30.91 15.61 35.89
C PHE B 53 -30.94 16.07 37.34
N HIS B 54 -31.64 15.27 38.15
CA HIS B 54 -31.65 15.40 39.59
C HIS B 54 -31.29 14.04 40.19
N ALA B 55 -30.27 14.00 41.03
CA ALA B 55 -29.73 12.74 41.50
C ALA B 55 -29.37 12.81 42.98
N ARG B 56 -29.64 11.73 43.70
CA ARG B 56 -29.35 11.65 45.13
C ARG B 56 -28.70 10.31 45.43
N GLY B 57 -27.50 10.35 46.02
CA GLY B 57 -26.92 9.17 46.65
C GLY B 57 -26.59 8.01 45.74
N ASN B 58 -26.67 8.20 44.42
CA ASN B 58 -26.27 7.14 43.51
C ASN B 58 -24.75 7.02 43.43
N TYR B 59 -24.29 5.90 42.87
CA TYR B 59 -22.87 5.61 42.70
C TYR B 59 -22.14 5.51 44.03
N ASP B 60 -22.84 5.06 45.07
CA ASP B 60 -22.20 4.83 46.36
C ASP B 60 -21.07 3.82 46.23
N ALA B 61 -19.85 4.26 46.55
CA ALA B 61 -18.67 3.39 46.55
C ALA B 61 -18.49 2.66 45.23
N ALA B 62 -18.95 3.27 44.14
CA ALA B 62 -18.90 2.66 42.82
C ALA B 62 -17.71 3.17 42.03
N GLN B 63 -17.42 2.48 40.92
CA GLN B 63 -16.34 2.84 40.02
C GLN B 63 -16.94 3.21 38.67
N ARG B 64 -16.59 4.39 38.16
CA ARG B 64 -17.15 4.88 36.90
C ARG B 64 -16.05 5.30 35.94
N GLY B 65 -16.19 4.88 34.69
CA GLY B 65 -15.30 5.25 33.62
C GLY B 65 -15.44 6.72 33.26
N PRO B 66 -14.59 7.23 32.36
CA PRO B 66 -13.57 6.60 31.50
C PRO B 66 -12.35 6.08 32.25
N GLY B 67 -11.81 4.93 31.81
CA GLY B 67 -10.56 4.45 32.34
C GLY B 67 -9.77 3.67 31.30
N GLY B 68 -8.65 3.10 31.75
CA GLY B 68 -7.82 2.28 30.89
C GLY B 68 -7.09 3.08 29.83
N ALA B 69 -6.99 2.48 28.64
CA ALA B 69 -6.31 3.09 27.49
C ALA B 69 -7.33 3.45 26.43
N TRP B 70 -7.59 4.75 26.26
CA TRP B 70 -8.64 5.18 25.34
C TRP B 70 -8.33 6.57 24.81
N ALA B 71 -9.00 6.92 23.71
CA ALA B 71 -8.87 8.25 23.11
C ALA B 71 -10.16 8.61 22.40
N ALA B 72 -10.51 9.90 22.48
CA ALA B 72 -11.66 10.46 21.78
C ALA B 72 -11.18 11.57 20.85
N LYS B 73 -11.52 11.46 19.56
CA LYS B 73 -11.07 12.41 18.56
C LYS B 73 -12.25 12.88 17.72
N VAL B 74 -12.33 14.18 17.48
CA VAL B 74 -13.32 14.79 16.60
C VAL B 74 -12.58 15.61 15.56
N ILE B 75 -12.80 15.29 14.29
CA ILE B 75 -12.09 15.91 13.18
C ILE B 75 -13.12 16.31 12.12
N SER B 76 -12.93 17.47 11.50
CA SER B 76 -13.78 17.87 10.39
C SER B 76 -13.19 17.51 9.04
N ASP B 77 -12.01 18.04 8.73
CA ASP B 77 -11.33 17.80 7.46
C ASP B 77 -9.91 17.36 7.72
N ALA B 78 -9.47 16.28 7.09
CA ALA B 78 -8.12 15.78 7.32
C ALA B 78 -7.69 14.92 6.14
N ARG B 79 -6.42 15.05 5.76
CA ARG B 79 -5.80 14.27 4.71
C ARG B 79 -4.62 13.53 5.29
N GLU B 80 -4.53 12.23 5.02
CA GLU B 80 -3.42 11.42 5.52
C GLU B 80 -2.90 10.49 4.43
N ASN B 81 -2.88 10.98 3.20
CA ASN B 81 -2.41 10.18 2.07
C ASN B 81 -0.96 9.72 2.28
N SER B 82 -0.60 8.66 1.55
CA SER B 82 0.78 8.19 1.46
C SER B 82 0.99 7.63 0.07
N GLN B 83 2.20 7.80 -0.48
CA GLN B 83 2.46 7.37 -1.84
C GLN B 83 3.84 6.75 -1.97
N ARG B 84 3.93 5.80 -2.91
CA ARG B 84 5.15 5.02 -3.17
C ARG B 84 5.41 5.04 -4.68
N VAL B 85 6.36 5.87 -5.12
CA VAL B 85 6.71 5.99 -6.54
C VAL B 85 8.10 5.41 -6.74
N THR B 86 8.21 4.46 -7.67
CA THR B 86 9.48 3.79 -7.96
C THR B 86 9.62 3.56 -9.47
N ASP B 87 10.86 3.68 -9.97
CA ASP B 87 11.21 3.24 -11.32
C ASP B 87 10.36 3.95 -12.39
N PHE B 88 10.54 5.27 -12.47
CA PHE B 88 9.79 6.12 -13.39
C PHE B 88 10.76 6.67 -14.42
N PHE B 89 10.54 6.32 -15.69
CA PHE B 89 11.40 6.70 -16.80
C PHE B 89 10.61 7.54 -17.79
N ARG B 90 11.18 8.68 -18.18
CA ARG B 90 10.52 9.58 -19.12
C ARG B 90 11.53 10.04 -20.17
N HIS B 91 11.15 9.91 -21.45
CA HIS B 91 11.96 10.35 -22.57
C HIS B 91 11.14 11.30 -23.43
N GLY B 92 11.83 12.19 -24.14
CA GLY B 92 11.17 13.17 -24.98
C GLY B 92 11.04 12.75 -26.43
N ASN B 93 11.25 13.69 -27.35
CA ASN B 93 11.13 13.44 -28.78
C ASN B 93 12.47 13.03 -29.37
N SER B 94 12.42 12.04 -30.26
CA SER B 94 13.61 11.62 -31.00
C SER B 94 13.49 12.01 -32.47
N GLU C 19 -9.48 8.17 -29.13
CA GLU C 19 -9.34 7.16 -28.09
C GLU C 19 -9.64 7.71 -26.70
N TRP C 20 -10.72 7.21 -26.11
CA TRP C 20 -11.16 7.63 -24.77
C TRP C 20 -11.41 6.34 -23.99
N TYR C 21 -10.58 6.06 -22.99
CA TYR C 21 -10.73 4.86 -22.19
C TYR C 21 -10.81 5.18 -20.71
N SER C 22 -11.65 4.42 -19.99
CA SER C 22 -11.76 4.53 -18.55
C SER C 22 -11.93 3.13 -17.99
N PHE C 23 -11.50 2.91 -16.75
CA PHE C 23 -11.58 1.59 -16.15
C PHE C 23 -12.43 1.58 -14.89
N LEU C 24 -12.18 2.51 -13.97
CA LEU C 24 -13.09 2.81 -12.87
C LEU C 24 -13.12 4.34 -12.81
N GLY C 25 -14.19 4.95 -13.31
CA GLY C 25 -14.13 6.37 -13.56
C GLY C 25 -15.40 7.16 -13.34
N GLU C 26 -15.27 8.24 -12.57
CA GLU C 26 -16.35 9.21 -12.37
C GLU C 26 -16.05 10.36 -13.32
N ALA C 27 -16.70 10.36 -14.48
CA ALA C 27 -16.50 11.37 -15.51
C ALA C 27 -17.80 12.08 -15.80
N ALA C 28 -17.81 13.40 -15.67
CA ALA C 28 -18.98 14.23 -15.93
C ALA C 28 -18.63 15.29 -16.97
N GLN C 29 -19.42 15.35 -18.03
CA GLN C 29 -19.21 16.29 -19.12
C GLN C 29 -20.38 17.27 -19.25
N GLY C 30 -20.93 17.70 -18.12
CA GLY C 30 -22.10 18.53 -18.16
C GLY C 30 -22.30 19.32 -16.88
N ALA C 31 -23.56 19.70 -16.64
CA ALA C 31 -23.93 20.60 -15.56
C ALA C 31 -24.80 19.89 -14.54
N TRP C 32 -24.62 20.23 -13.27
CA TRP C 32 -25.43 19.68 -12.18
C TRP C 32 -25.38 18.16 -12.13
N ASP C 33 -24.20 17.58 -12.37
CA ASP C 33 -24.03 16.14 -12.39
C ASP C 33 -23.25 15.62 -11.18
N MET C 34 -23.70 14.47 -10.68
CA MET C 34 -23.07 13.72 -9.57
C MET C 34 -22.91 14.52 -8.28
N TRP C 35 -23.70 15.55 -8.02
CA TRP C 35 -23.57 16.27 -6.77
C TRP C 35 -24.45 15.61 -5.70
N ARG C 36 -24.13 15.90 -4.44
CA ARG C 36 -24.84 15.30 -3.30
C ARG C 36 -25.13 16.39 -2.28
N ALA C 37 -26.40 16.58 -1.93
CA ALA C 37 -26.80 17.76 -1.15
C ALA C 37 -26.97 17.51 0.35
N TYR C 38 -27.84 16.58 0.73
CA TYR C 38 -28.25 16.43 2.13
C TYR C 38 -27.83 15.08 2.71
N SER C 39 -27.10 15.10 3.82
CA SER C 39 -26.79 13.90 4.59
C SER C 39 -27.15 14.20 6.05
N ASP C 40 -28.21 13.57 6.54
CA ASP C 40 -28.85 13.93 7.81
C ASP C 40 -28.90 12.73 8.74
N MET C 41 -27.98 12.66 9.70
CA MET C 41 -27.95 11.55 10.66
C MET C 41 -27.87 12.12 12.09
N ARG C 42 -29.04 12.42 12.64
CA ARG C 42 -29.17 13.01 13.97
C ARG C 42 -29.28 11.94 15.05
N GLU C 43 -28.44 12.02 16.08
CA GLU C 43 -28.52 11.14 17.23
C GLU C 43 -28.33 9.67 16.84
N ALA C 44 -27.45 9.45 15.86
CA ALA C 44 -27.34 8.14 15.23
C ALA C 44 -26.89 7.06 16.21
N ASN C 45 -25.90 7.36 17.06
CA ASN C 45 -25.14 6.33 17.78
C ASN C 45 -25.09 6.57 19.29
N TYR C 46 -26.07 6.02 20.01
CA TYR C 46 -26.10 6.03 21.47
C TYR C 46 -25.69 4.66 22.01
N ILE C 47 -24.60 4.63 22.77
CA ILE C 47 -24.02 3.40 23.30
C ILE C 47 -24.13 3.45 24.81
N GLY C 48 -24.91 2.53 25.38
CA GLY C 48 -25.05 2.46 26.83
C GLY C 48 -25.58 3.72 27.46
N ALA C 49 -26.45 4.44 26.77
CA ALA C 49 -27.03 5.68 27.26
C ALA C 49 -28.51 5.46 27.58
N ASP C 50 -29.01 6.30 28.49
CA ASP C 50 -30.42 6.27 28.88
C ASP C 50 -31.03 7.65 28.69
N LYS C 51 -32.35 7.68 28.50
CA LYS C 51 -33.03 8.92 28.14
C LYS C 51 -34.42 8.93 28.76
N TYR C 52 -34.78 10.05 29.39
CA TYR C 52 -36.17 10.33 29.79
C TYR C 52 -36.73 9.20 30.67
N PHE C 53 -36.10 8.99 31.82
CA PHE C 53 -36.49 7.88 32.68
C PHE C 53 -36.48 8.30 34.15
N HIS C 54 -37.14 7.47 34.96
CA HIS C 54 -37.12 7.57 36.41
C HIS C 54 -36.72 6.21 36.95
N ALA C 55 -35.68 6.16 37.77
CA ALA C 55 -35.08 4.90 38.19
C ALA C 55 -34.69 4.94 39.66
N ARG C 56 -34.91 3.83 40.35
CA ARG C 56 -34.58 3.71 41.76
C ARG C 56 -33.90 2.38 42.01
N GLY C 57 -32.69 2.42 42.56
CA GLY C 57 -32.06 1.24 43.14
C GLY C 57 -31.72 0.12 42.17
N ASN C 58 -31.85 0.35 40.87
CA ASN C 58 -31.46 -0.67 39.91
C ASN C 58 -29.94 -0.75 39.79
N TYR C 59 -29.47 -1.84 39.17
CA TYR C 59 -28.05 -2.10 38.95
C TYR C 59 -27.28 -2.23 40.25
N ASP C 60 -27.93 -2.73 41.29
CA ASP C 60 -27.24 -2.98 42.56
C ASP C 60 -26.09 -3.96 42.36
N ALA C 61 -24.88 -3.51 42.66
CA ALA C 61 -23.68 -4.35 42.60
C ALA C 61 -23.53 -5.04 41.24
N ALA C 62 -24.03 -4.41 40.18
CA ALA C 62 -24.01 -4.99 38.84
C ALA C 62 -22.85 -4.41 38.04
N GLN C 63 -22.57 -5.06 36.91
CA GLN C 63 -21.53 -4.66 35.98
C GLN C 63 -22.18 -4.26 34.66
N ARG C 64 -21.87 -3.06 34.18
CA ARG C 64 -22.47 -2.55 32.95
C ARG C 64 -21.39 -2.08 31.97
N GLY C 65 -21.56 -2.46 30.70
CA GLY C 65 -20.70 -2.04 29.62
C GLY C 65 -20.88 -0.57 29.32
N PRO C 66 -20.06 -0.02 28.40
CA PRO C 66 -19.05 -0.62 27.51
C PRO C 66 -17.79 -1.13 28.20
N GLY C 67 -17.26 -2.25 27.72
CA GLY C 67 -15.98 -2.74 28.19
C GLY C 67 -15.24 -3.49 27.10
N GLY C 68 -14.09 -4.04 27.49
CA GLY C 68 -13.28 -4.83 26.58
C GLY C 68 -12.60 -4.00 25.51
N ALA C 69 -12.52 -4.56 24.30
CA ALA C 69 -11.89 -3.92 23.16
C ALA C 69 -12.95 -3.54 22.14
N TRP C 70 -13.24 -2.25 22.01
CA TRP C 70 -14.33 -1.81 21.14
C TRP C 70 -14.05 -0.41 20.64
N ALA C 71 -14.76 -0.02 19.57
CA ALA C 71 -14.66 1.32 19.02
C ALA C 71 -15.98 1.70 18.36
N ALA C 72 -16.35 2.98 18.50
CA ALA C 72 -17.52 3.54 17.85
C ALA C 72 -17.08 4.69 16.95
N LYS C 73 -17.44 4.62 15.67
CA LYS C 73 -17.05 5.60 14.68
C LYS C 73 -18.25 6.07 13.89
N VAL C 74 -18.37 7.39 13.70
CA VAL C 74 -19.40 7.99 12.87
C VAL C 74 -18.71 8.86 11.82
N ILE C 75 -18.96 8.57 10.55
CA ILE C 75 -18.30 9.25 9.44
C ILE C 75 -19.36 9.65 8.43
N SER C 76 -19.22 10.83 7.84
CA SER C 76 -20.11 11.24 6.76
C SER C 76 -19.55 10.94 5.38
N ASP C 77 -18.39 11.50 5.05
CA ASP C 77 -17.76 11.32 3.76
C ASP C 77 -16.30 10.90 3.96
N ALA C 78 -15.87 9.85 3.28
CA ALA C 78 -14.51 9.38 3.46
C ALA C 78 -14.09 8.56 2.24
N ARG C 79 -12.84 8.73 1.84
CA ARG C 79 -12.24 7.99 0.73
C ARG C 79 -11.02 7.26 1.25
N GLU C 80 -10.92 5.97 0.95
CA GLU C 80 -9.78 5.16 1.39
C GLU C 80 -9.29 4.28 0.26
N ASN C 81 -9.30 4.80 -0.97
CA ASN C 81 -8.87 4.04 -2.12
C ASN C 81 -7.42 3.59 -1.99
N SER C 82 -7.06 2.56 -2.75
CA SER C 82 -5.67 2.13 -2.90
C SER C 82 -5.50 1.61 -4.32
N GLN C 83 -4.30 1.82 -4.88
CA GLN C 83 -4.07 1.44 -6.27
C GLN C 83 -2.66 0.87 -6.45
N ARG C 84 -2.56 -0.05 -7.41
CA ARG C 84 -1.33 -0.78 -7.73
C ARG C 84 -1.10 -0.70 -9.24
N VAL C 85 -0.19 0.16 -9.68
CA VAL C 85 0.13 0.34 -11.10
C VAL C 85 1.52 -0.21 -11.36
N THR C 86 1.63 -1.12 -12.33
CA THR C 86 2.90 -1.76 -12.67
C THR C 86 3.01 -1.94 -14.19
N ASP C 87 4.23 -1.78 -14.71
CA ASP C 87 4.55 -2.17 -16.08
C ASP C 87 3.67 -1.45 -17.12
N PHE C 88 3.82 -0.13 -17.17
CA PHE C 88 3.04 0.73 -18.05
C PHE C 88 3.96 1.32 -19.09
N PHE C 89 3.71 1.00 -20.36
CA PHE C 89 4.55 1.42 -21.49
C PHE C 89 3.73 2.27 -22.45
N ARG C 90 4.27 3.43 -22.83
CA ARG C 90 3.59 4.35 -23.74
C ARG C 90 4.57 4.83 -24.80
N HIS C 91 4.17 4.72 -26.07
CA HIS C 91 4.93 5.20 -27.20
C HIS C 91 4.08 6.16 -28.01
N GLY C 92 4.73 7.08 -28.71
CA GLY C 92 4.01 8.06 -29.51
C GLY C 92 3.86 7.68 -30.97
N ASN C 93 4.01 8.65 -31.86
CA ASN C 93 3.86 8.43 -33.29
C ASN C 93 5.18 8.09 -33.94
N SER C 94 5.14 7.11 -34.85
CA SER C 94 6.31 6.74 -35.64
C SER C 94 6.13 7.17 -37.10
N GLU D 19 1.59 16.43 -22.75
CA GLU D 19 1.62 15.45 -21.67
C GLU D 19 1.21 16.03 -20.33
N TRP D 20 0.08 15.57 -19.81
CA TRP D 20 -0.44 16.02 -18.53
C TRP D 20 -0.79 14.77 -17.74
N TYR D 21 -0.02 14.49 -16.69
CA TYR D 21 -0.25 13.31 -15.86
C TYR D 21 -0.38 13.69 -14.40
N SER D 22 -1.27 13.00 -13.69
CA SER D 22 -1.41 13.17 -12.26
C SER D 22 -1.63 11.81 -11.63
N PHE D 23 -1.22 11.65 -10.38
CA PHE D 23 -1.36 10.37 -9.71
C PHE D 23 -2.23 10.45 -8.46
N LEU D 24 -1.95 11.43 -7.59
CA LEU D 24 -2.86 11.83 -6.52
C LEU D 24 -2.84 13.36 -6.55
N GLY D 25 -3.87 13.96 -7.11
CA GLY D 25 -3.78 15.37 -7.45
C GLY D 25 -5.05 16.18 -7.31
N GLU D 26 -4.94 17.30 -6.61
CA GLU D 26 -6.03 18.27 -6.52
C GLU D 26 -5.67 19.36 -7.52
N ALA D 27 -6.27 19.29 -8.71
CA ALA D 27 -6.01 20.24 -9.79
C ALA D 27 -7.28 20.95 -10.18
N ALA D 28 -7.26 22.28 -10.14
CA ALA D 28 -8.40 23.11 -10.48
C ALA D 28 -7.97 24.10 -11.56
N GLN D 29 -8.71 24.14 -12.66
CA GLN D 29 -8.42 25.01 -13.79
C GLN D 29 -9.55 26.01 -14.00
N GLY D 30 -10.13 26.51 -12.94
CA GLY D 30 -11.27 27.39 -13.05
C GLY D 30 -11.49 28.24 -11.82
N ALA D 31 -12.74 28.68 -11.66
CA ALA D 31 -13.12 29.64 -10.64
C ALA D 31 -14.09 29.02 -9.63
N TRP D 32 -13.95 29.40 -8.37
CA TRP D 32 -14.84 28.93 -7.30
C TRP D 32 -14.84 27.41 -7.19
N ASP D 33 -13.67 26.79 -7.35
CA ASP D 33 -13.55 25.34 -7.30
C ASP D 33 -12.84 24.85 -6.04
N MET D 34 -13.34 23.74 -5.50
CA MET D 34 -12.78 23.04 -4.35
C MET D 34 -12.63 23.88 -3.09
N TRP D 35 -13.41 24.95 -2.92
CA TRP D 35 -13.29 25.73 -1.70
C TRP D 35 -14.21 25.15 -0.62
N ARG D 36 -13.94 25.50 0.63
CA ARG D 36 -14.70 24.99 1.77
C ARG D 36 -14.97 26.13 2.73
N ALA D 37 -16.26 26.38 3.03
CA ALA D 37 -16.66 27.60 3.73
C ALA D 37 -16.89 27.41 5.23
N TYR D 38 -17.81 26.52 5.61
CA TYR D 38 -18.28 26.43 6.99
C TYR D 38 -17.93 25.09 7.63
N SER D 39 -17.25 25.13 8.77
CA SER D 39 -17.01 23.97 9.61
C SER D 39 -17.43 24.33 11.03
N ASP D 40 -18.54 23.73 11.48
CA ASP D 40 -19.23 24.15 12.71
C ASP D 40 -19.34 22.99 13.68
N MET D 41 -18.48 22.95 14.71
CA MET D 41 -18.52 21.88 15.70
C MET D 41 -18.51 22.50 17.10
N ARG D 42 -19.70 22.85 17.59
CA ARG D 42 -19.88 23.50 18.88
C ARG D 42 -20.07 22.48 20.00
N GLU D 43 -19.27 22.61 21.05
CA GLU D 43 -19.41 21.77 22.25
C GLU D 43 -19.24 20.29 21.93
N ALA D 44 -18.33 19.99 21.01
CA ALA D 44 -18.23 18.64 20.46
C ALA D 44 -17.86 17.61 21.50
N ASN D 45 -16.90 17.92 22.38
CA ASN D 45 -16.20 16.92 23.18
C ASN D 45 -16.24 17.22 24.68
N TYR D 46 -17.27 16.72 25.37
CA TYR D 46 -17.39 16.79 26.82
C TYR D 46 -17.03 15.43 27.44
N ILE D 47 -15.99 15.41 28.26
CA ILE D 47 -15.47 14.19 28.88
C ILE D 47 -15.65 14.31 30.38
N GLY D 48 -16.48 13.44 30.96
CA GLY D 48 -16.68 13.44 32.40
C GLY D 48 -17.19 14.75 32.95
N ALA D 49 -18.01 15.47 32.18
CA ALA D 49 -18.56 16.75 32.59
C ALA D 49 -20.06 16.60 32.88
N ASP D 50 -20.58 17.49 33.72
CA ASP D 50 -21.99 17.53 34.06
C ASP D 50 -22.54 18.92 33.78
N LYS D 51 -23.85 18.99 33.53
CA LYS D 51 -24.47 20.23 33.10
C LYS D 51 -25.89 20.32 33.66
N TYR D 52 -26.23 21.48 34.21
CA TYR D 52 -27.62 21.81 34.56
C TYR D 52 -28.24 20.74 35.45
N PHE D 53 -27.67 20.56 36.64
CA PHE D 53 -28.10 19.49 37.52
C PHE D 53 -28.15 19.95 38.96
N HIS D 54 -28.86 19.17 39.78
CA HIS D 54 -28.89 19.31 41.22
C HIS D 54 -28.55 17.97 41.83
N ALA D 55 -27.55 17.93 42.70
CA ALA D 55 -27.00 16.67 43.20
C ALA D 55 -26.67 16.76 44.67
N ARG D 56 -26.95 15.69 45.40
CA ARG D 56 -26.70 15.62 46.84
C ARG D 56 -26.08 14.27 47.17
N GLY D 57 -24.89 14.30 47.78
CA GLY D 57 -24.35 13.12 48.44
C GLY D 57 -24.00 11.95 47.54
N ASN D 58 -24.06 12.12 46.23
CA ASN D 58 -23.67 11.04 45.33
C ASN D 58 -22.15 10.90 45.29
N TYR D 59 -21.70 9.77 44.74
CA TYR D 59 -20.27 9.47 44.60
C TYR D 59 -19.57 9.38 45.95
N ASP D 60 -20.29 8.94 46.98
CA ASP D 60 -19.67 8.72 48.29
C ASP D 60 -18.54 7.70 48.18
N ALA D 61 -17.33 8.14 48.51
CA ALA D 61 -16.15 7.26 48.54
C ALA D 61 -15.97 6.51 47.23
N ALA D 62 -16.41 7.11 46.12
CA ALA D 62 -16.34 6.48 44.82
C ALA D 62 -15.13 6.98 44.03
N GLN D 63 -14.83 6.26 42.95
CA GLN D 63 -13.74 6.60 42.04
C GLN D 63 -14.32 6.95 40.67
N ARG D 64 -13.96 8.12 40.15
CA ARG D 64 -14.50 8.58 38.87
C ARG D 64 -13.38 8.97 37.92
N GLY D 65 -13.50 8.54 36.67
CA GLY D 65 -12.60 8.88 35.60
C GLY D 65 -12.73 10.35 35.22
N PRO D 66 -11.87 10.83 34.32
CA PRO D 66 -10.84 10.18 33.49
C PRO D 66 -9.62 9.69 34.25
N GLY D 67 -9.07 8.54 33.86
CA GLY D 67 -7.82 8.07 34.40
C GLY D 67 -7.03 7.26 33.39
N GLY D 68 -5.91 6.72 33.86
CA GLY D 68 -5.07 5.88 33.04
C GLY D 68 -4.33 6.66 31.96
N ALA D 69 -4.21 6.05 30.78
CA ALA D 69 -3.52 6.64 29.63
C ALA D 69 -4.54 7.01 28.56
N TRP D 70 -4.77 8.31 28.38
CA TRP D 70 -5.81 8.75 27.45
C TRP D 70 -5.46 10.13 26.91
N ALA D 71 -6.12 10.47 25.80
CA ALA D 71 -5.97 11.79 25.18
C ALA D 71 -7.25 12.16 24.44
N ALA D 72 -7.59 13.45 24.49
CA ALA D 72 -8.73 14.00 23.77
C ALA D 72 -8.22 15.08 22.81
N LYS D 73 -8.56 14.95 21.53
CA LYS D 73 -8.09 15.87 20.50
C LYS D 73 -9.26 16.33 19.64
N VAL D 74 -9.32 17.63 19.38
CA VAL D 74 -10.30 18.23 18.48
C VAL D 74 -9.53 19.01 17.41
N ILE D 75 -9.74 18.66 16.14
CA ILE D 75 -9.01 19.27 15.04
C ILE D 75 -10.00 19.64 13.96
N SER D 76 -9.78 20.79 13.31
CA SER D 76 -10.61 21.18 12.17
C SER D 76 -9.99 20.78 10.84
N ASP D 77 -8.79 21.29 10.55
CA ASP D 77 -8.09 21.01 9.30
C ASP D 77 -6.67 20.56 9.61
N ALA D 78 -6.24 19.46 9.02
CA ALA D 78 -4.90 18.94 9.29
C ALA D 78 -4.45 18.05 8.14
N ARG D 79 -3.18 18.16 7.80
CA ARG D 79 -2.54 17.36 6.76
C ARG D 79 -1.36 16.62 7.37
N GLU D 80 -1.29 15.31 7.12
CA GLU D 80 -0.20 14.50 7.65
C GLU D 80 0.34 13.55 6.58
N ASN D 81 0.40 14.04 5.35
CA ASN D 81 0.88 13.23 4.23
C ASN D 81 2.32 12.76 4.47
N SER D 82 2.69 11.71 3.77
CA SER D 82 4.07 11.22 3.69
C SER D 82 4.28 10.64 2.30
N GLN D 83 5.50 10.79 1.77
CA GLN D 83 5.76 10.34 0.41
C GLN D 83 7.14 9.70 0.29
N ARG D 84 7.22 8.74 -0.63
CA ARG D 84 8.43 7.93 -0.87
C ARG D 84 8.71 7.92 -2.37
N VAL D 85 9.68 8.73 -2.82
CA VAL D 85 10.04 8.83 -4.23
C VAL D 85 11.43 8.21 -4.41
N THR D 86 11.54 7.26 -5.33
CA THR D 86 12.79 6.56 -5.61
C THR D 86 12.94 6.32 -7.10
N ASP D 87 14.18 6.42 -7.60
CA ASP D 87 14.54 5.96 -8.95
C ASP D 87 13.71 6.68 -10.02
N PHE D 88 13.90 7.99 -10.11
CA PHE D 88 13.18 8.83 -11.04
C PHE D 88 14.16 9.38 -12.08
N PHE D 89 13.95 9.01 -13.34
CA PHE D 89 14.83 9.37 -14.45
C PHE D 89 14.06 10.21 -15.46
N ARG D 90 14.64 11.34 -15.86
CA ARG D 90 14.01 12.25 -16.82
C ARG D 90 15.03 12.67 -17.86
N HIS D 91 14.66 12.53 -19.14
CA HIS D 91 15.47 12.95 -20.26
C HIS D 91 14.67 13.90 -21.14
N GLY D 92 15.39 14.79 -21.85
CA GLY D 92 14.74 15.75 -22.71
C GLY D 92 14.63 15.32 -24.15
N ASN D 93 14.87 16.25 -25.07
CA ASN D 93 14.77 15.98 -26.50
C ASN D 93 16.11 15.53 -27.06
N SER D 94 16.06 14.53 -27.93
CA SER D 94 17.26 14.07 -28.64
C SER D 94 17.18 14.43 -30.13
N GLU E 19 -13.18 5.45 -31.22
CA GLU E 19 -13.02 4.40 -30.23
C GLU E 19 -13.26 4.93 -28.82
N TRP E 20 -14.31 4.43 -28.18
CA TRP E 20 -14.70 4.83 -26.84
C TRP E 20 -14.97 3.54 -26.06
N TYR E 21 -14.11 3.23 -25.09
CA TYR E 21 -14.26 2.01 -24.30
C TYR E 21 -14.30 2.31 -22.82
N SER E 22 -15.13 1.55 -22.10
CA SER E 22 -15.22 1.63 -20.65
C SER E 22 -15.39 0.21 -20.13
N PHE E 23 -14.95 -0.02 -18.89
CA PHE E 23 -15.04 -1.37 -18.32
C PHE E 23 -15.89 -1.41 -17.06
N LEU E 24 -15.65 -0.51 -16.12
CA LEU E 24 -16.56 -0.23 -15.02
C LEU E 24 -16.58 1.30 -14.91
N GLY E 25 -17.65 1.93 -15.40
CA GLY E 25 -17.57 3.36 -15.61
C GLY E 25 -18.84 4.14 -15.36
N GLU E 26 -18.71 5.20 -14.57
CA GLU E 26 -19.78 6.16 -14.34
C GLU E 26 -19.48 7.34 -15.26
N ALA E 27 -20.15 7.37 -16.41
CA ALA E 27 -19.96 8.41 -17.42
C ALA E 27 -21.28 9.12 -17.68
N ALA E 28 -21.29 10.44 -17.52
CA ALA E 28 -22.48 11.25 -17.74
C ALA E 28 -22.15 12.33 -18.76
N GLN E 29 -22.95 12.41 -19.81
CA GLN E 29 -22.78 13.38 -20.88
C GLN E 29 -23.97 14.33 -20.97
N GLY E 30 -24.50 14.75 -19.83
CA GLY E 30 -25.70 15.56 -19.83
C GLY E 30 -25.88 16.33 -18.55
N ALA E 31 -27.14 16.69 -18.29
CA ALA E 31 -27.51 17.57 -17.19
C ALA E 31 -28.37 16.84 -16.17
N TRP E 32 -28.17 17.16 -14.90
CA TRP E 32 -28.97 16.59 -13.81
C TRP E 32 -28.90 15.06 -13.79
N ASP E 33 -27.73 14.51 -14.06
CA ASP E 33 -27.54 13.07 -14.12
C ASP E 33 -26.75 12.53 -12.93
N MET E 34 -27.17 11.36 -12.44
CA MET E 34 -26.52 10.60 -11.37
C MET E 34 -26.35 11.36 -10.06
N TRP E 35 -27.15 12.38 -9.77
CA TRP E 35 -27.00 13.06 -8.50
C TRP E 35 -27.88 12.37 -7.44
N ARG E 36 -27.54 12.63 -6.17
CA ARG E 36 -28.24 12.01 -5.04
C ARG E 36 -28.50 13.08 -3.99
N ALA E 37 -29.76 13.27 -3.61
CA ALA E 37 -30.14 14.43 -2.81
C ALA E 37 -30.28 14.17 -1.31
N TYR E 38 -31.15 13.23 -0.91
CA TYR E 38 -31.52 13.06 0.49
C TYR E 38 -31.10 11.71 1.03
N SER E 39 -30.34 11.72 2.13
CA SER E 39 -30.01 10.52 2.90
C SER E 39 -30.34 10.80 4.36
N ASP E 40 -31.40 10.16 4.87
CA ASP E 40 -32.01 10.50 6.14
C ASP E 40 -32.04 9.29 7.07
N MET E 41 -31.11 9.21 8.02
CA MET E 41 -31.06 8.08 8.96
C MET E 41 -30.96 8.62 10.39
N ARG E 42 -32.12 8.91 10.97
CA ARG E 42 -32.22 9.48 12.31
C ARG E 42 -32.32 8.39 13.37
N GLU E 43 -31.46 8.47 14.38
CA GLU E 43 -31.53 7.55 15.53
C GLU E 43 -31.33 6.10 15.09
N ALA E 44 -30.46 5.90 14.11
CA ALA E 44 -30.36 4.59 13.46
C ALA E 44 -29.88 3.50 14.41
N ASN E 45 -28.89 3.81 15.24
CA ASN E 45 -28.11 2.77 15.93
C ASN E 45 -28.03 3.00 17.44
N TYR E 46 -29.00 2.41 18.18
CA TYR E 46 -29.00 2.40 19.63
C TYR E 46 -28.57 1.03 20.13
N ILE E 47 -27.46 0.99 20.87
CA ILE E 47 -26.86 -0.25 21.37
C ILE E 47 -26.94 -0.23 22.89
N GLY E 48 -27.71 -1.16 23.47
CA GLY E 48 -27.82 -1.25 24.91
C GLY E 48 -28.34 0.00 25.57
N ALA E 49 -29.23 0.73 24.90
CA ALA E 49 -29.82 1.96 25.42
C ALA E 49 -31.28 1.73 25.76
N ASP E 50 -31.80 2.54 26.68
CA ASP E 50 -33.19 2.49 27.09
C ASP E 50 -33.82 3.87 26.93
N LYS E 51 -35.14 3.89 26.75
CA LYS E 51 -35.85 5.13 26.43
C LYS E 51 -37.23 5.12 27.06
N TYR E 52 -37.59 6.22 27.72
CA TYR E 52 -38.97 6.47 28.14
C TYR E 52 -39.50 5.32 29.02
N PHE E 53 -38.86 5.11 30.15
CA PHE E 53 -39.20 3.97 31.00
C PHE E 53 -39.20 4.36 32.46
N HIS E 54 -39.82 3.52 33.27
CA HIS E 54 -39.79 3.59 34.73
C HIS E 54 -39.37 2.23 35.25
N ALA E 55 -38.32 2.20 36.07
CA ALA E 55 -37.69 0.94 36.46
C ALA E 55 -37.29 0.98 37.92
N ARG E 56 -37.49 -0.15 38.61
CA ARG E 56 -37.14 -0.27 40.02
C ARG E 56 -36.44 -1.61 40.23
N GLY E 57 -35.22 -1.55 40.77
CA GLY E 57 -34.57 -2.73 41.31
C GLY E 57 -34.23 -3.84 40.33
N ASN E 58 -34.39 -3.59 39.03
CA ASN E 58 -34.00 -4.59 38.06
C ASN E 58 -32.48 -4.65 37.90
N TYR E 59 -32.01 -5.73 37.27
CA TYR E 59 -30.59 -5.96 37.02
C TYR E 59 -29.80 -6.10 38.31
N ASP E 60 -30.43 -6.63 39.36
CA ASP E 60 -29.73 -6.90 40.60
C ASP E 60 -28.57 -7.86 40.37
N ALA E 61 -27.36 -7.41 40.67
CA ALA E 61 -26.15 -8.23 40.58
C ALA E 61 -26.01 -8.89 39.21
N ALA E 62 -26.53 -8.26 38.17
CA ALA E 62 -26.52 -8.82 36.83
C ALA E 62 -25.38 -8.22 36.01
N GLN E 63 -25.11 -8.86 34.87
CA GLN E 63 -24.08 -8.44 33.93
C GLN E 63 -24.76 -8.02 32.62
N ARG E 64 -24.46 -6.81 32.15
CA ARG E 64 -25.09 -6.30 30.94
C ARG E 64 -24.03 -5.79 29.96
N GLY E 65 -24.21 -6.16 28.69
CA GLY E 65 -23.38 -5.70 27.61
C GLY E 65 -23.59 -4.22 27.32
N PRO E 66 -22.79 -3.65 26.40
CA PRO E 66 -21.80 -4.23 25.49
C PRO E 66 -20.53 -4.73 26.15
N GLY E 67 -19.98 -5.85 25.66
CA GLY E 67 -18.69 -6.32 26.10
C GLY E 67 -17.96 -7.06 24.99
N GLY E 68 -16.80 -7.60 25.36
CA GLY E 68 -16.01 -8.39 24.43
C GLY E 68 -15.37 -7.54 23.34
N ALA E 69 -15.32 -8.09 22.12
CA ALA E 69 -14.73 -7.45 20.96
C ALA E 69 -15.83 -7.07 19.97
N TRP E 70 -16.12 -5.78 19.86
CA TRP E 70 -17.23 -5.33 19.02
C TRP E 70 -16.95 -3.92 18.52
N ALA E 71 -17.69 -3.51 17.49
CA ALA E 71 -17.58 -2.17 16.95
C ALA E 71 -18.92 -1.78 16.33
N ALA E 72 -19.29 -0.50 16.48
CA ALA E 72 -20.47 0.08 15.86
C ALA E 72 -20.05 1.22 14.97
N LYS E 73 -20.43 1.17 13.69
CA LYS E 73 -20.04 2.18 12.71
C LYS E 73 -21.26 2.64 11.94
N VAL E 74 -21.40 3.96 11.77
CA VAL E 74 -22.45 4.56 10.96
C VAL E 74 -21.78 5.44 9.92
N ILE E 75 -22.04 5.17 8.65
CA ILE E 75 -21.41 5.87 7.54
C ILE E 75 -22.50 6.25 6.54
N SER E 76 -22.38 7.46 5.96
CA SER E 76 -23.30 7.87 4.91
C SER E 76 -22.75 7.60 3.52
N ASP E 77 -21.61 8.19 3.19
CA ASP E 77 -20.98 8.03 1.87
C ASP E 77 -19.52 7.64 2.07
N ALA E 78 -19.08 6.60 1.36
CA ALA E 78 -17.70 6.14 1.52
C ALA E 78 -17.29 5.35 0.28
N ARG E 79 -16.05 5.54 -0.14
CA ARG E 79 -15.46 4.83 -1.27
C ARG E 79 -14.22 4.11 -0.78
N GLU E 80 -14.11 2.82 -1.09
CA GLU E 80 -12.97 2.02 -0.69
C GLU E 80 -12.48 1.15 -1.84
N ASN E 81 -12.54 1.68 -3.06
CA ASN E 81 -12.12 0.94 -4.23
C ASN E 81 -10.66 0.51 -4.12
N SER E 82 -10.31 -0.52 -4.91
CA SER E 82 -8.92 -0.92 -5.09
C SER E 82 -8.76 -1.44 -6.52
N GLN E 83 -7.59 -1.20 -7.10
CA GLN E 83 -7.36 -1.57 -8.49
C GLN E 83 -5.95 -2.11 -8.70
N ARG E 84 -5.83 -3.03 -9.65
CA ARG E 84 -4.58 -3.71 -9.98
C ARG E 84 -4.37 -3.63 -11.50
N VAL E 85 -3.48 -2.74 -11.95
CA VAL E 85 -3.19 -2.55 -13.36
C VAL E 85 -1.80 -3.07 -13.66
N THR E 86 -1.70 -3.96 -14.64
CA THR E 86 -0.43 -4.57 -15.03
C THR E 86 -0.34 -4.72 -16.54
N ASP E 87 0.88 -4.54 -17.08
CA ASP E 87 1.19 -4.90 -18.47
C ASP E 87 0.29 -4.17 -19.48
N PHE E 88 0.42 -2.84 -19.50
CA PHE E 88 -0.38 -1.97 -20.36
C PHE E 88 0.55 -1.35 -21.40
N PHE E 89 0.29 -1.66 -22.67
CA PHE E 89 1.10 -1.21 -23.80
C PHE E 89 0.26 -0.35 -24.73
N ARG E 90 0.80 0.81 -25.11
CA ARG E 90 0.10 1.73 -25.99
C ARG E 90 1.06 2.24 -27.06
N HIS E 91 0.63 2.15 -28.32
CA HIS E 91 1.36 2.65 -29.47
C HIS E 91 0.47 3.60 -30.26
N GLY E 92 1.11 4.55 -30.96
CA GLY E 92 0.37 5.53 -31.73
C GLY E 92 0.19 5.16 -33.19
N ASN E 93 0.33 6.15 -34.07
CA ASN E 93 0.15 5.95 -35.50
C ASN E 93 1.48 5.63 -36.18
N SER E 94 1.43 4.67 -37.11
CA SER E 94 2.59 4.33 -37.92
C SER E 94 2.39 4.77 -39.36
N GLU F 19 -6.27 -22.72 18.08
CA GLU F 19 -6.46 -21.79 16.98
C GLU F 19 -5.15 -21.39 16.32
N TRP F 20 -4.99 -21.82 15.07
CA TRP F 20 -3.79 -21.52 14.28
C TRP F 20 -4.28 -20.96 12.95
N TYR F 21 -4.07 -19.67 12.70
CA TYR F 21 -4.51 -19.05 11.47
C TYR F 21 -3.36 -18.36 10.76
N SER F 22 -3.36 -18.44 9.43
CA SER F 22 -2.39 -17.74 8.60
C SER F 22 -3.10 -17.21 7.37
N PHE F 23 -2.61 -16.11 6.82
CA PHE F 23 -3.24 -15.50 5.66
C PHE F 23 -2.31 -15.46 4.45
N LEU F 24 -1.09 -14.98 4.63
CA LEU F 24 0.00 -15.15 3.66
C LEU F 24 1.21 -15.54 4.50
N GLY F 25 1.56 -16.81 4.51
CA GLY F 25 2.49 -17.27 5.52
C GLY F 25 3.47 -18.35 5.11
N GLU F 26 4.75 -18.09 5.39
CA GLU F 26 5.81 -19.09 5.22
C GLU F 26 6.06 -19.66 6.61
N ALA F 27 5.48 -20.83 6.88
CA ALA F 27 5.58 -21.48 8.18
C ALA F 27 6.19 -22.86 8.01
N ALA F 28 7.29 -23.12 8.71
CA ALA F 28 7.98 -24.40 8.66
C ALA F 28 8.10 -24.96 10.07
N GLN F 29 7.65 -26.19 10.26
CA GLN F 29 7.67 -26.86 11.56
C GLN F 29 8.56 -28.10 11.51
N GLY F 30 9.68 -28.02 10.81
CA GLY F 30 10.52 -29.18 10.64
C GLY F 30 11.94 -28.84 10.27
N ALA F 31 12.61 -29.79 9.63
CA ALA F 31 14.03 -29.72 9.33
C ALA F 31 14.27 -29.67 7.82
N TRP F 32 15.28 -28.90 7.41
CA TRP F 32 15.67 -28.81 6.01
C TRP F 32 14.52 -28.35 5.11
N ASP F 33 13.71 -27.41 5.60
CA ASP F 33 12.55 -26.92 4.87
C ASP F 33 12.74 -25.51 4.33
N MET F 34 12.25 -25.29 3.11
CA MET F 34 12.22 -24.00 2.43
C MET F 34 13.58 -23.34 2.25
N TRP F 35 14.69 -24.08 2.26
CA TRP F 35 15.98 -23.45 2.04
C TRP F 35 16.28 -23.39 0.54
N ARG F 36 17.21 -22.51 0.17
CA ARG F 36 17.57 -22.30 -1.23
C ARG F 36 19.09 -22.22 -1.34
N ALA F 37 19.69 -23.09 -2.17
CA ALA F 37 21.13 -23.26 -2.16
C ALA F 37 21.89 -22.50 -3.25
N TYR F 38 21.56 -22.74 -4.52
CA TYR F 38 22.37 -22.25 -5.64
C TYR F 38 21.59 -21.28 -6.51
N SER F 39 22.15 -20.08 -6.70
CA SER F 39 21.64 -19.10 -7.66
C SER F 39 22.81 -18.65 -8.52
N ASP F 40 22.82 -19.07 -9.79
CA ASP F 40 23.98 -18.96 -10.66
C ASP F 40 23.63 -18.18 -11.93
N MET F 41 24.01 -16.89 -11.99
CA MET F 41 23.72 -16.06 -13.16
C MET F 41 25.00 -15.36 -13.59
N ARG F 42 25.79 -16.05 -14.41
CA ARG F 42 27.08 -15.56 -14.89
C ARG F 42 26.93 -14.79 -16.19
N GLU F 43 27.47 -13.57 -16.24
CA GLU F 43 27.50 -12.77 -17.46
C GLU F 43 26.09 -12.48 -17.98
N ALA F 44 25.16 -12.27 -17.05
CA ALA F 44 23.75 -12.21 -17.40
C ALA F 44 23.44 -11.04 -18.32
N ASN F 45 24.00 -9.86 -18.05
CA ASN F 45 23.50 -8.60 -18.63
C ASN F 45 24.61 -7.79 -19.31
N TYR F 46 24.79 -8.03 -20.62
CA TYR F 46 25.69 -7.25 -21.47
C TYR F 46 24.88 -6.28 -22.33
N ILE F 47 25.12 -4.99 -22.15
CA ILE F 47 24.39 -3.93 -22.82
C ILE F 47 25.36 -3.18 -23.73
N GLY F 48 25.13 -3.25 -25.03
CA GLY F 48 25.98 -2.54 -25.98
C GLY F 48 27.44 -2.92 -25.90
N ALA F 49 27.74 -4.17 -25.59
CA ALA F 49 29.10 -4.66 -25.48
C ALA F 49 29.42 -5.60 -26.64
N ASP F 50 30.69 -5.71 -26.98
CA ASP F 50 31.16 -6.60 -28.03
C ASP F 50 32.23 -7.53 -27.46
N LYS F 51 32.37 -8.70 -28.09
CA LYS F 51 33.25 -9.74 -27.56
C LYS F 51 33.91 -10.50 -28.70
N TYR F 52 35.22 -10.71 -28.61
CA TYR F 52 35.95 -11.64 -29.48
C TYR F 52 35.71 -11.32 -30.96
N PHE F 53 36.14 -10.13 -31.36
CA PHE F 53 35.87 -9.67 -32.71
C PHE F 53 37.07 -8.95 -33.30
N HIS F 54 37.04 -8.82 -34.63
CA HIS F 54 37.99 -8.01 -35.38
C HIS F 54 37.18 -7.06 -36.26
N ALA F 55 37.46 -5.76 -36.14
CA ALA F 55 36.62 -4.75 -36.77
C ALA F 55 37.47 -3.63 -37.36
N ARG F 56 37.08 -3.15 -38.53
CA ARG F 56 37.78 -2.07 -39.22
C ARG F 56 36.77 -1.07 -39.74
N GLY F 57 36.91 0.19 -39.33
CA GLY F 57 36.23 1.29 -39.99
C GLY F 57 34.72 1.30 -39.90
N ASN F 58 34.12 0.42 -39.09
CA ASN F 58 32.68 0.45 -38.92
C ASN F 58 32.26 1.61 -38.04
N TYR F 59 30.95 1.91 -38.06
CA TYR F 59 30.36 2.99 -37.25
C TYR F 59 30.92 4.36 -37.64
N ASP F 60 31.29 4.53 -38.90
CA ASP F 60 31.73 5.83 -39.38
C ASP F 60 30.64 6.88 -39.18
N ALA F 61 30.95 7.91 -38.39
CA ALA F 61 30.04 9.03 -38.15
C ALA F 61 28.67 8.57 -37.69
N ALA F 62 28.60 7.43 -37.02
CA ALA F 62 27.34 6.84 -36.57
C ALA F 62 27.08 7.16 -35.11
N GLN F 63 25.83 6.92 -34.69
CA GLN F 63 25.38 7.13 -33.32
C GLN F 63 25.01 5.78 -32.72
N ARG F 64 25.59 5.45 -31.56
CA ARG F 64 25.35 4.16 -30.93
C ARG F 64 24.92 4.36 -29.48
N GLY F 65 23.88 3.61 -29.09
CA GLY F 65 23.39 3.58 -27.73
C GLY F 65 24.38 2.89 -26.81
N PRO F 66 24.09 2.88 -25.49
CA PRO F 66 22.90 3.32 -24.75
C PRO F 66 22.70 4.84 -24.71
N GLY F 67 21.45 5.28 -24.76
CA GLY F 67 21.14 6.68 -24.57
C GLY F 67 19.77 6.87 -23.95
N GLY F 68 19.38 8.14 -23.82
CA GLY F 68 18.06 8.48 -23.30
C GLY F 68 17.94 8.22 -21.81
N ALA F 69 16.76 7.76 -21.41
CA ALA F 69 16.43 7.45 -20.02
C ALA F 69 16.30 5.95 -19.83
N TRP F 70 17.27 5.33 -19.17
CA TRP F 70 17.28 3.88 -19.05
C TRP F 70 18.00 3.47 -17.78
N ALA F 71 17.77 2.22 -17.37
CA ALA F 71 18.45 1.65 -16.20
C ALA F 71 18.59 0.14 -16.38
N ALA F 72 19.72 -0.39 -15.91
CA ALA F 72 19.97 -1.82 -15.90
C ALA F 72 20.22 -2.26 -14.46
N LYS F 73 19.45 -3.25 -13.99
CA LYS F 73 19.54 -3.73 -12.62
C LYS F 73 19.65 -5.24 -12.60
N VAL F 74 20.57 -5.76 -11.78
CA VAL F 74 20.73 -7.19 -11.55
C VAL F 74 20.62 -7.43 -10.05
N ILE F 75 19.68 -8.27 -9.65
CA ILE F 75 19.41 -8.54 -8.24
C ILE F 75 19.30 -10.05 -8.05
N SER F 76 19.83 -10.55 -6.94
CA SER F 76 19.67 -11.96 -6.60
C SER F 76 18.49 -12.21 -5.68
N ASP F 77 18.50 -11.61 -4.49
CA ASP F 77 17.45 -11.78 -3.49
C ASP F 77 16.99 -10.41 -3.02
N ALA F 78 15.68 -10.19 -3.00
CA ALA F 78 15.16 -8.89 -2.58
C ALA F 78 13.72 -9.03 -2.12
N ARG F 79 13.37 -8.31 -1.07
CA ARG F 79 12.02 -8.26 -0.53
C ARG F 79 11.55 -6.82 -0.54
N GLU F 80 10.34 -6.60 -1.07
CA GLU F 80 9.78 -5.25 -1.13
C GLU F 80 8.31 -5.26 -0.71
N ASN F 81 7.99 -6.09 0.28
CA ASN F 81 6.61 -6.20 0.74
C ASN F 81 6.09 -4.85 1.25
N SER F 82 4.76 -4.74 1.28
CA SER F 82 4.08 -3.62 1.91
C SER F 82 2.78 -4.13 2.52
N GLN F 83 2.38 -3.55 3.65
CA GLN F 83 1.20 -4.04 4.34
C GLN F 83 0.37 -2.90 4.92
N ARG F 84 -0.94 -3.13 4.98
CA ARG F 84 -1.94 -2.15 5.44
C ARG F 84 -2.84 -2.83 6.46
N VAL F 85 -2.62 -2.57 7.75
CA VAL F 85 -3.41 -3.16 8.83
C VAL F 85 -4.25 -2.06 9.47
N THR F 86 -5.55 -2.29 9.56
CA THR F 86 -6.49 -1.31 10.12
C THR F 86 -7.57 -2.03 10.93
N ASP F 87 -7.98 -1.40 12.04
CA ASP F 87 -9.18 -1.80 12.78
C ASP F 87 -9.08 -3.26 13.27
N PHE F 88 -8.12 -3.49 14.15
CA PHE F 88 -7.84 -4.82 14.69
C PHE F 88 -8.17 -4.81 16.18
N PHE F 89 -9.15 -5.64 16.57
CA PHE F 89 -9.66 -5.70 17.93
C PHE F 89 -9.43 -7.10 18.50
N ARG F 90 -8.87 -7.17 19.71
CA ARG F 90 -8.58 -8.43 20.37
C ARG F 90 -9.03 -8.38 21.82
N HIS F 91 -9.80 -9.38 22.24
CA HIS F 91 -10.25 -9.53 23.61
C HIS F 91 -9.86 -10.91 24.12
N GLY F 92 -9.69 -11.01 25.43
CA GLY F 92 -9.28 -12.27 26.03
C GLY F 92 -10.44 -13.12 26.55
N ASN F 93 -10.26 -13.73 27.71
CA ASN F 93 -11.27 -14.60 28.29
C ASN F 93 -12.17 -13.82 29.23
N SER F 94 -13.47 -14.11 29.16
CA SER F 94 -14.45 -13.53 30.08
C SER F 94 -14.97 -14.59 31.04
N GLU G 19 -3.67 -19.30 20.61
CA GLU G 19 -3.82 -18.37 19.49
C GLU G 19 -2.48 -18.04 18.83
N TRP G 20 -2.32 -18.49 17.59
CA TRP G 20 -1.11 -18.23 16.82
C TRP G 20 -1.57 -17.69 15.47
N TYR G 21 -1.33 -16.41 15.21
CA TYR G 21 -1.73 -15.79 13.96
C TYR G 21 -0.56 -15.13 13.26
N SER G 22 -0.54 -15.22 11.93
CA SER G 22 0.46 -14.55 11.12
C SER G 22 -0.23 -14.03 9.87
N PHE G 23 0.30 -12.94 9.31
CA PHE G 23 -0.31 -12.33 8.13
C PHE G 23 0.64 -12.31 6.94
N LEU G 24 1.87 -11.84 7.15
CA LEU G 24 2.98 -12.04 6.20
C LEU G 24 4.16 -12.43 7.08
N GLY G 25 4.51 -13.71 7.10
CA GLY G 25 5.41 -14.17 8.12
C GLY G 25 6.37 -15.27 7.74
N GLU G 26 7.65 -15.04 8.03
CA GLU G 26 8.69 -16.06 7.88
C GLU G 26 8.91 -16.63 9.28
N ALA G 27 8.30 -17.78 9.55
CA ALA G 27 8.37 -18.42 10.86
C ALA G 27 8.96 -19.82 10.71
N ALA G 28 10.05 -20.08 11.44
CA ALA G 28 10.72 -21.38 11.41
C ALA G 28 10.81 -21.91 12.84
N GLN G 29 10.34 -23.14 13.03
CA GLN G 29 10.33 -23.78 14.34
C GLN G 29 11.21 -25.04 14.33
N GLY G 30 12.34 -24.98 13.65
CA GLY G 30 13.18 -26.15 13.50
C GLY G 30 14.60 -25.82 13.15
N ALA G 31 15.27 -26.78 12.53
CA ALA G 31 16.71 -26.72 12.25
C ALA G 31 16.96 -26.69 10.75
N TRP G 32 17.98 -25.94 10.34
CA TRP G 32 18.39 -25.87 8.93
C TRP G 32 17.25 -25.42 8.02
N ASP G 33 16.45 -24.46 8.48
CA ASP G 33 15.31 -23.99 7.71
C ASP G 33 15.51 -22.58 7.16
N MET G 34 15.04 -22.38 5.92
CA MET G 34 15.03 -21.10 5.22
C MET G 34 16.41 -20.46 5.06
N TRP G 35 17.51 -21.20 5.09
CA TRP G 35 18.80 -20.59 4.88
C TRP G 35 19.14 -20.56 3.40
N ARG G 36 20.08 -19.68 3.03
CA ARG G 36 20.47 -19.49 1.64
C ARG G 36 21.99 -19.43 1.56
N ALA G 37 22.59 -20.30 0.75
CA ALA G 37 24.04 -20.50 0.78
C ALA G 37 24.81 -19.75 -0.31
N TYR G 38 24.50 -20.01 -1.58
CA TYR G 38 25.32 -19.55 -2.69
C TYR G 38 24.57 -18.57 -3.59
N SER G 39 25.14 -17.38 -3.79
CA SER G 39 24.65 -16.41 -4.77
C SER G 39 25.85 -16.00 -5.62
N ASP G 40 25.86 -16.42 -6.89
CA ASP G 40 27.04 -16.35 -7.76
C ASP G 40 26.70 -15.58 -9.03
N MET G 41 27.10 -14.30 -9.10
CA MET G 41 26.84 -13.48 -10.29
C MET G 41 28.14 -12.81 -10.72
N ARG G 42 28.92 -13.52 -11.52
CA ARG G 42 30.23 -13.05 -11.99
C ARG G 42 30.10 -12.29 -13.31
N GLU G 43 30.66 -11.08 -13.35
CA GLU G 43 30.70 -10.30 -14.59
C GLU G 43 29.30 -9.99 -15.12
N ALA G 44 28.37 -9.75 -14.20
CA ALA G 44 26.96 -9.69 -14.56
C ALA G 44 26.66 -8.53 -15.51
N ASN G 45 27.25 -7.36 -15.26
CA ASN G 45 26.79 -6.10 -15.87
C ASN G 45 27.90 -5.32 -16.56
N TYR G 46 28.08 -5.58 -17.86
CA TYR G 46 29.00 -4.82 -18.71
C TYR G 46 28.22 -3.86 -19.59
N ILE G 47 28.47 -2.57 -19.43
CA ILE G 47 27.77 -1.50 -20.13
C ILE G 47 28.77 -0.77 -21.02
N GLY G 48 28.57 -0.85 -22.33
CA GLY G 48 29.44 -0.17 -23.27
C GLY G 48 30.89 -0.57 -23.16
N ALA G 49 31.17 -1.83 -22.83
CA ALA G 49 32.52 -2.33 -22.70
C ALA G 49 32.84 -3.30 -23.84
N ASP G 50 34.13 -3.42 -24.13
CA ASP G 50 34.61 -4.33 -25.16
C ASP G 50 35.65 -5.27 -24.57
N LYS G 51 35.80 -6.44 -25.18
CA LYS G 51 36.65 -7.48 -24.63
C LYS G 51 37.31 -8.27 -25.76
N TYR G 52 38.62 -8.50 -25.65
CA TYR G 52 39.34 -9.45 -26.49
C TYR G 52 39.12 -9.16 -27.98
N PHE G 53 39.55 -7.97 -28.40
CA PHE G 53 39.30 -7.53 -29.76
C PHE G 53 40.53 -6.84 -30.35
N HIS G 54 40.51 -6.72 -31.68
CA HIS G 54 41.47 -5.94 -32.43
C HIS G 54 40.71 -4.99 -33.33
N ALA G 55 40.98 -3.70 -33.23
CA ALA G 55 40.16 -2.69 -33.88
C ALA G 55 41.04 -1.58 -34.46
N ARG G 56 40.66 -1.11 -35.65
CA ARG G 56 41.39 -0.05 -36.34
C ARG G 56 40.40 0.96 -36.90
N GLY G 57 40.56 2.22 -36.50
CA GLY G 57 39.90 3.33 -37.17
C GLY G 57 38.39 3.36 -37.12
N ASN G 58 37.77 2.48 -36.32
CA ASN G 58 36.33 2.54 -36.17
C ASN G 58 35.90 3.72 -35.29
N TYR G 59 34.60 4.03 -35.35
CA TYR G 59 34.01 5.11 -34.57
C TYR G 59 34.59 6.48 -34.95
N ASP G 60 34.97 6.63 -36.21
CA ASP G 60 35.45 7.92 -36.70
C ASP G 60 34.36 8.98 -36.52
N ALA G 61 34.67 10.02 -35.74
CA ALA G 61 33.77 11.15 -35.53
C ALA G 61 32.38 10.72 -35.09
N ALA G 62 32.30 9.58 -34.40
CA ALA G 62 31.02 9.02 -33.98
C ALA G 62 30.74 9.38 -32.51
N GLN G 63 29.49 9.15 -32.12
CA GLN G 63 29.03 9.38 -30.75
C GLN G 63 28.63 8.05 -30.13
N ARG G 64 29.19 7.74 -28.96
CA ARG G 64 28.93 6.46 -28.30
C ARG G 64 28.48 6.68 -26.86
N GLY G 65 27.43 5.95 -26.48
CA GLY G 65 26.92 5.94 -25.13
C GLY G 65 27.89 5.25 -24.18
N PRO G 66 27.59 5.27 -22.86
CA PRO G 66 26.39 5.74 -22.15
C PRO G 66 26.20 7.26 -22.14
N GLY G 67 24.95 7.71 -22.23
CA GLY G 67 24.63 9.11 -22.05
C GLY G 67 23.26 9.32 -21.46
N GLY G 68 22.88 10.59 -21.36
CA GLY G 68 21.56 10.96 -20.85
C GLY G 68 21.42 10.73 -19.36
N ALA G 69 20.24 10.29 -18.96
CA ALA G 69 19.90 10.02 -17.56
C ALA G 69 19.76 8.51 -17.36
N TRP G 70 20.72 7.89 -16.68
CA TRP G 70 20.71 6.44 -16.53
C TRP G 70 21.42 6.04 -15.25
N ALA G 71 21.17 4.80 -14.83
CA ALA G 71 21.83 4.24 -13.65
C ALA G 71 21.94 2.73 -13.81
N ALA G 72 23.05 2.18 -13.32
CA ALA G 72 23.30 0.74 -13.29
C ALA G 72 23.52 0.31 -11.84
N LYS G 73 22.74 -0.66 -11.38
CA LYS G 73 22.79 -1.12 -10.00
C LYS G 73 22.89 -2.63 -9.95
N VAL G 74 23.79 -3.14 -9.11
CA VAL G 74 23.93 -4.58 -8.87
C VAL G 74 23.80 -4.80 -7.36
N ILE G 75 22.84 -5.62 -6.95
CA ILE G 75 22.54 -5.85 -5.55
C ILE G 75 22.42 -7.35 -5.34
N SER G 76 22.92 -7.85 -4.21
CA SER G 76 22.75 -9.26 -3.85
C SER G 76 21.54 -9.47 -2.94
N ASP G 77 21.55 -8.85 -1.77
CA ASP G 77 20.48 -8.99 -0.78
C ASP G 77 20.03 -7.61 -0.33
N ALA G 78 18.72 -7.37 -0.34
CA ALA G 78 18.22 -6.06 0.05
C ALA G 78 16.76 -6.18 0.48
N ARG G 79 16.41 -5.43 1.53
CA ARG G 79 15.05 -5.36 2.05
C ARG G 79 14.59 -3.92 2.00
N GLU G 80 13.40 -3.69 1.45
CA GLU G 80 12.85 -2.34 1.37
C GLU G 80 11.39 -2.32 1.76
N ASN G 81 11.03 -3.13 2.76
CA ASN G 81 9.65 -3.20 3.22
C ASN G 81 9.14 -1.84 3.69
N SER G 82 7.82 -1.71 3.72
CA SER G 82 7.13 -0.57 4.32
C SER G 82 5.83 -1.06 4.91
N GLN G 83 5.42 -0.47 6.04
CA GLN G 83 4.22 -0.94 6.72
C GLN G 83 3.39 0.22 7.26
N ARG G 84 2.07 -0.01 7.30
CA ARG G 84 1.08 0.98 7.72
C ARG G 84 0.16 0.32 8.74
N VAL G 85 0.37 0.61 10.03
CA VAL G 85 -0.44 0.04 11.11
C VAL G 85 -1.28 1.16 11.73
N THR G 86 -2.60 0.95 11.78
CA THR G 86 -3.53 1.93 12.31
C THR G 86 -4.63 1.25 13.11
N ASP G 87 -5.06 1.90 14.19
CA ASP G 87 -6.28 1.51 14.92
C ASP G 87 -6.20 0.08 15.43
N PHE G 88 -5.25 -0.16 16.33
CA PHE G 88 -4.99 -1.49 16.89
C PHE G 88 -5.35 -1.46 18.38
N PHE G 89 -6.33 -2.27 18.76
CA PHE G 89 -6.86 -2.33 20.11
C PHE G 89 -6.64 -3.72 20.68
N ARG G 90 -6.09 -3.78 21.90
CA ARG G 90 -5.82 -5.05 22.56
C ARG G 90 -6.28 -4.98 24.01
N HIS G 91 -7.06 -5.97 24.44
CA HIS G 91 -7.54 -6.09 25.81
C HIS G 91 -7.14 -7.45 26.36
N GLY G 92 -6.99 -7.53 27.67
CA GLY G 92 -6.60 -8.77 28.31
C GLY G 92 -7.77 -9.60 28.82
N ASN G 93 -7.61 -10.19 30.00
CA ASN G 93 -8.63 -11.03 30.59
C ASN G 93 -9.55 -10.23 31.49
N SER G 94 -10.85 -10.53 31.41
CA SER G 94 -11.84 -9.92 32.29
C SER G 94 -12.38 -10.95 33.27
N GLU H 19 -9.09 -26.08 15.56
CA GLU H 19 -9.31 -25.13 14.47
C GLU H 19 -8.01 -24.71 13.82
N TRP H 20 -7.83 -25.09 12.56
CA TRP H 20 -6.63 -24.78 11.78
C TRP H 20 -7.12 -24.22 10.46
N TYR H 21 -6.91 -22.92 10.22
CA TYR H 21 -7.35 -22.28 8.99
C TYR H 21 -6.21 -21.57 8.29
N SER H 22 -6.22 -21.64 6.96
CA SER H 22 -5.26 -20.92 6.13
C SER H 22 -5.99 -20.39 4.92
N PHE H 23 -5.51 -19.29 4.35
CA PHE H 23 -6.18 -18.69 3.20
C PHE H 23 -5.28 -18.63 1.97
N LEU H 24 -4.05 -18.14 2.13
CA LEU H 24 -2.98 -18.30 1.14
C LEU H 24 -1.74 -18.66 1.96
N GLY H 25 -1.37 -19.93 1.96
CA GLY H 25 -0.42 -20.38 2.95
C GLY H 25 0.57 -21.43 2.51
N GLU H 26 1.85 -21.16 2.77
CA GLU H 26 2.93 -22.13 2.58
C GLU H 26 3.21 -22.72 3.96
N ALA H 27 2.66 -23.89 4.22
CA ALA H 27 2.79 -24.56 5.51
C ALA H 27 3.42 -25.94 5.30
N ALA H 28 4.53 -26.19 5.99
CA ALA H 28 5.24 -27.45 5.90
C ALA H 28 5.38 -28.03 7.30
N GLN H 29 4.95 -29.28 7.47
CA GLN H 29 5.01 -29.97 8.75
C GLN H 29 5.91 -31.19 8.69
N GLY H 30 7.03 -31.09 7.97
CA GLY H 30 7.87 -32.24 7.77
C GLY H 30 9.29 -31.86 7.39
N ALA H 31 9.96 -32.79 6.71
CA ALA H 31 11.37 -32.69 6.39
C ALA H 31 11.58 -32.62 4.89
N TRP H 32 12.58 -31.83 4.47
CA TRP H 32 12.94 -31.72 3.06
C TRP H 32 11.76 -31.27 2.19
N ASP H 33 10.95 -30.35 2.70
CA ASP H 33 9.79 -29.86 1.98
C ASP H 33 9.94 -28.44 1.47
N MET H 34 9.43 -28.21 0.25
CA MET H 34 9.38 -26.91 -0.41
C MET H 34 10.74 -26.24 -0.60
N TRP H 35 11.84 -26.97 -0.61
CA TRP H 35 13.13 -26.32 -0.84
C TRP H 35 13.41 -26.24 -2.35
N ARG H 36 14.33 -25.33 -2.71
CA ARG H 36 14.67 -25.10 -4.11
C ARG H 36 16.18 -25.00 -4.25
N ALA H 37 16.78 -25.85 -5.09
CA ALA H 37 18.23 -26.00 -5.09
C ALA H 37 18.96 -25.22 -6.18
N TYR H 38 18.63 -25.46 -7.45
CA TYR H 38 19.41 -24.94 -8.57
C TYR H 38 18.61 -23.96 -9.42
N SER H 39 19.15 -22.75 -9.61
CA SER H 39 18.62 -21.77 -10.54
C SER H 39 19.79 -21.30 -11.42
N ASP H 40 19.78 -21.69 -12.69
CA ASP H 40 20.93 -21.57 -13.57
C ASP H 40 20.55 -20.77 -14.82
N MET H 41 20.91 -19.48 -14.86
CA MET H 41 20.60 -18.63 -16.02
C MET H 41 21.86 -17.90 -16.46
N ARG H 42 22.65 -18.57 -17.30
CA ARG H 42 23.93 -18.05 -17.79
C ARG H 42 23.75 -17.26 -19.08
N GLU H 43 24.28 -16.04 -19.11
CA GLU H 43 24.27 -15.22 -20.32
C GLU H 43 22.86 -14.93 -20.81
N ALA H 44 21.93 -14.75 -19.86
CA ALA H 44 20.51 -14.70 -20.20
C ALA H 44 20.18 -13.51 -21.10
N ASN H 45 20.74 -12.34 -20.82
CA ASN H 45 20.22 -11.07 -21.37
C ASN H 45 21.30 -10.24 -22.06
N TYR H 46 21.47 -10.45 -23.37
CA TYR H 46 22.35 -9.65 -24.21
C TYR H 46 21.52 -8.69 -25.05
N ILE H 47 21.74 -7.39 -24.85
CA ILE H 47 20.98 -6.33 -25.51
C ILE H 47 21.94 -5.56 -26.41
N GLY H 48 21.70 -5.62 -27.72
CA GLY H 48 22.52 -4.89 -28.66
C GLY H 48 23.99 -5.25 -28.61
N ALA H 49 24.31 -6.50 -28.32
CA ALA H 49 25.68 -6.99 -28.24
C ALA H 49 25.98 -7.90 -29.43
N ASP H 50 27.26 -7.99 -29.76
CA ASP H 50 27.74 -8.85 -30.83
C ASP H 50 28.82 -9.78 -30.30
N LYS H 51 28.98 -10.93 -30.96
CA LYS H 51 29.86 -11.97 -30.45
C LYS H 51 30.50 -12.71 -31.62
N TYR H 52 31.82 -12.91 -31.55
CA TYR H 52 32.53 -13.84 -32.45
C TYR H 52 32.27 -13.50 -33.92
N PHE H 53 32.68 -12.29 -34.32
CA PHE H 53 32.39 -11.82 -35.66
C PHE H 53 33.58 -11.10 -36.25
N HIS H 54 33.54 -10.94 -37.58
CA HIS H 54 34.47 -10.12 -38.33
C HIS H 54 33.66 -9.16 -39.18
N ALA H 55 33.91 -7.86 -39.05
CA ALA H 55 33.06 -6.85 -39.66
C ALA H 55 33.90 -5.72 -40.24
N ARG H 56 33.47 -5.22 -41.40
CA ARG H 56 34.16 -4.12 -42.07
C ARG H 56 33.13 -3.12 -42.57
N GLY H 57 33.27 -1.87 -42.15
CA GLY H 57 32.57 -0.76 -42.77
C GLY H 57 31.05 -0.77 -42.66
N ASN H 58 30.48 -1.67 -41.87
CA ASN H 58 29.04 -1.66 -41.67
C ASN H 58 28.62 -0.52 -40.75
N TYR H 59 27.32 -0.24 -40.76
CA TYR H 59 26.72 0.80 -39.92
C TYR H 59 27.25 2.20 -40.27
N ASP H 60 27.59 2.40 -41.55
CA ASP H 60 28.01 3.72 -42.00
C ASP H 60 26.92 4.75 -41.76
N ALA H 61 27.22 5.76 -40.95
CA ALA H 61 26.30 6.87 -40.68
C ALA H 61 24.93 6.38 -40.22
N ALA H 62 24.89 5.24 -39.56
CA ALA H 62 23.65 4.62 -39.11
C ALA H 62 23.39 4.93 -37.64
N GLN H 63 22.16 4.66 -37.21
CA GLN H 63 21.73 4.85 -35.83
C GLN H 63 21.38 3.49 -35.24
N ARG H 64 21.97 3.16 -34.10
CA ARG H 64 21.76 1.86 -33.46
C ARG H 64 21.35 2.03 -32.00
N GLY H 65 20.33 1.28 -31.61
CA GLY H 65 19.85 1.23 -30.24
C GLY H 65 20.85 0.55 -29.33
N PRO H 66 20.59 0.52 -28.01
CA PRO H 66 19.40 0.96 -27.25
C PRO H 66 19.18 2.46 -27.19
N GLY H 67 17.92 2.88 -27.24
CA GLY H 67 17.57 4.27 -27.03
C GLY H 67 16.21 4.42 -26.39
N GLY H 68 15.78 5.67 -26.25
CA GLY H 68 14.47 5.98 -25.71
C GLY H 68 14.37 5.70 -24.23
N ALA H 69 13.20 5.21 -23.82
CA ALA H 69 12.89 4.89 -22.42
C ALA H 69 12.78 3.38 -22.26
N TRP H 70 13.77 2.76 -21.62
CA TRP H 70 13.81 1.31 -21.52
C TRP H 70 14.56 0.90 -20.26
N ALA H 71 14.35 -0.36 -19.86
CA ALA H 71 15.06 -0.93 -18.73
C ALA H 71 15.22 -2.43 -18.91
N ALA H 72 16.36 -2.96 -18.47
CA ALA H 72 16.64 -4.39 -18.49
C ALA H 72 16.92 -4.84 -17.06
N LYS H 73 16.18 -5.84 -16.60
CA LYS H 73 16.29 -6.34 -15.23
C LYS H 73 16.41 -7.85 -15.23
N VAL H 74 17.36 -8.37 -14.44
CA VAL H 74 17.52 -9.80 -14.23
C VAL H 74 17.45 -10.06 -12.74
N ILE H 75 16.52 -10.93 -12.33
CA ILE H 75 16.27 -11.21 -10.92
C ILE H 75 16.17 -12.72 -10.76
N SER H 76 16.73 -13.23 -9.65
CA SER H 76 16.58 -14.65 -9.34
C SER H 76 15.42 -14.92 -8.40
N ASP H 77 15.44 -14.34 -7.21
CA ASP H 77 14.41 -14.54 -6.20
C ASP H 77 13.94 -13.18 -5.69
N ALA H 78 12.63 -12.98 -5.65
CA ALA H 78 12.11 -11.70 -5.21
C ALA H 78 10.67 -11.85 -4.74
N ARG H 79 10.33 -11.15 -3.66
CA ARG H 79 8.98 -11.13 -3.11
C ARG H 79 8.50 -9.69 -3.09
N GLU H 80 7.29 -9.47 -3.60
CA GLU H 80 6.70 -8.13 -3.63
C GLU H 80 5.25 -8.17 -3.21
N ASN H 81 4.93 -9.01 -2.23
CA ASN H 81 3.56 -9.15 -1.75
C ASN H 81 3.03 -7.82 -1.22
N SER H 82 1.70 -7.72 -1.16
CA SER H 82 1.01 -6.62 -0.50
C SER H 82 -0.27 -7.16 0.12
N GLN H 83 -0.66 -6.60 1.27
CA GLN H 83 -1.82 -7.12 1.98
C GLN H 83 -2.65 -5.98 2.57
N ARG H 84 -3.96 -6.23 2.66
CA ARG H 84 -4.94 -5.27 3.15
C ARG H 84 -5.84 -5.97 4.17
N VAL H 85 -5.60 -5.72 5.47
CA VAL H 85 -6.36 -6.32 6.55
C VAL H 85 -7.21 -5.24 7.22
N THR H 86 -8.51 -5.49 7.32
CA THR H 86 -9.45 -4.54 7.90
C THR H 86 -10.51 -5.27 8.72
N ASP H 87 -10.92 -4.66 9.83
CA ASP H 87 -12.10 -5.10 10.58
C ASP H 87 -11.98 -6.55 11.06
N PHE H 88 -11.01 -6.79 11.93
CA PHE H 88 -10.70 -8.11 12.44
C PHE H 88 -11.03 -8.12 13.94
N PHE H 89 -11.99 -8.97 14.33
CA PHE H 89 -12.49 -9.07 15.70
C PHE H 89 -12.23 -10.47 16.25
N ARG H 90 -11.66 -10.55 17.44
CA ARG H 90 -11.35 -11.82 18.08
C ARG H 90 -11.78 -11.78 19.53
N HIS H 91 -12.54 -12.80 19.94
CA HIS H 91 -12.99 -12.96 21.32
C HIS H 91 -12.56 -14.33 21.82
N GLY H 92 -12.37 -14.44 23.13
CA GLY H 92 -11.95 -15.70 23.72
C GLY H 92 -13.08 -16.57 24.24
N ASN H 93 -12.88 -17.20 25.39
CA ASN H 93 -13.87 -18.08 25.98
C ASN H 93 -14.77 -17.33 26.93
N SER H 94 -16.07 -17.65 26.88
CA SER H 94 -17.04 -17.09 27.80
C SER H 94 -17.54 -18.16 28.77
N GLU I 19 -0.92 -15.78 23.24
CA GLU I 19 -1.05 -14.91 22.08
C GLU I 19 0.28 -14.61 21.40
N TRP I 20 0.43 -15.10 20.18
CA TRP I 20 1.65 -14.88 19.39
C TRP I 20 1.19 -14.39 18.03
N TYR I 21 1.45 -13.11 17.73
CA TYR I 21 1.06 -12.53 16.46
C TYR I 21 2.25 -11.88 15.77
N SER I 22 2.29 -12.00 14.44
CA SER I 22 3.30 -11.34 13.65
C SER I 22 2.64 -10.83 12.38
N PHE I 23 3.19 -9.74 11.81
CA PHE I 23 2.61 -9.16 10.61
C PHE I 23 3.59 -9.15 9.45
N LEU I 24 4.81 -8.67 9.67
CA LEU I 24 5.93 -8.88 8.76
C LEU I 24 7.10 -9.24 9.65
N GLY I 25 7.44 -10.53 9.72
CA GLY I 25 8.32 -10.98 10.77
C GLY I 25 9.27 -12.09 10.40
N GLU I 26 10.56 -11.89 10.70
CA GLU I 26 11.57 -12.92 10.57
C GLU I 26 11.76 -13.49 11.97
N ALA I 27 11.12 -14.62 12.24
CA ALA I 27 11.16 -15.26 13.56
C ALA I 27 11.73 -16.66 13.43
N ALA I 28 12.79 -16.94 14.17
CA ALA I 28 13.45 -18.24 14.17
C ALA I 28 13.51 -18.76 15.59
N GLN I 29 13.02 -19.99 15.80
CA GLN I 29 12.99 -20.61 17.11
C GLN I 29 13.85 -21.87 17.13
N GLY I 30 14.99 -21.83 16.48
CA GLY I 30 15.82 -23.01 16.36
C GLY I 30 17.26 -22.69 16.02
N ALA I 31 17.93 -23.67 15.44
CA ALA I 31 19.35 -23.64 15.18
C ALA I 31 19.64 -23.67 13.69
N TRP I 32 20.68 -22.93 13.27
CA TRP I 32 21.10 -22.90 11.87
C TRP I 32 19.98 -22.46 10.93
N ASP I 33 19.19 -21.49 11.37
CA ASP I 33 18.05 -21.00 10.58
C ASP I 33 18.29 -19.61 10.01
N MET I 34 17.84 -19.42 8.77
CA MET I 34 17.86 -18.14 8.06
C MET I 34 19.25 -17.52 7.91
N TRP I 35 20.32 -18.29 7.96
CA TRP I 35 21.64 -17.70 7.78
C TRP I 35 22.00 -17.67 6.29
N ARG I 36 22.97 -16.81 5.94
CA ARG I 36 23.39 -16.63 4.56
C ARG I 36 24.91 -16.59 4.50
N ALA I 37 25.51 -17.48 3.72
CA ALA I 37 26.96 -17.69 3.77
C ALA I 37 27.75 -16.98 2.67
N TYR I 38 27.44 -17.26 1.40
CA TYR I 38 28.27 -16.82 0.28
C TYR I 38 27.54 -15.85 -0.63
N SER I 39 28.13 -14.68 -0.84
CA SER I 39 27.67 -13.72 -1.84
C SER I 39 28.86 -13.33 -2.70
N ASP I 40 28.87 -13.78 -3.95
CA ASP I 40 30.06 -13.74 -4.81
C ASP I 40 29.75 -12.98 -6.10
N MET I 41 30.16 -11.71 -6.19
CA MET I 41 29.93 -10.90 -7.39
C MET I 41 31.24 -10.25 -7.82
N ARG I 42 32.01 -10.99 -8.61
CA ARG I 42 33.32 -10.55 -9.07
C ARG I 42 33.23 -9.81 -10.40
N GLU I 43 33.81 -8.61 -10.45
CA GLU I 43 33.88 -7.83 -11.70
C GLU I 43 32.50 -7.52 -12.26
N ALA I 44 31.55 -7.26 -11.36
CA ALA I 44 30.14 -7.17 -11.76
C ALA I 44 29.88 -6.02 -12.72
N ASN I 45 30.48 -4.85 -12.47
CA ASN I 45 30.04 -3.60 -13.09
C ASN I 45 31.17 -2.84 -13.79
N TYR I 46 31.38 -3.13 -15.08
CA TYR I 46 32.31 -2.41 -15.93
C TYR I 46 31.56 -1.46 -16.84
N ILE I 47 31.82 -0.16 -16.70
CA ILE I 47 31.14 0.90 -17.44
C ILE I 47 32.16 1.59 -18.34
N GLY I 48 31.97 1.48 -19.66
CA GLY I 48 32.87 2.15 -20.59
C GLY I 48 34.31 1.74 -20.45
N ALA I 49 34.58 0.49 -20.10
CA ALA I 49 35.93 -0.02 -19.94
C ALA I 49 36.26 -0.99 -21.06
N ASP I 50 37.55 -1.13 -21.34
CA ASP I 50 38.05 -2.05 -22.35
C ASP I 50 39.08 -2.99 -21.72
N LYS I 51 39.23 -4.18 -22.32
CA LYS I 51 40.06 -5.21 -21.74
C LYS I 51 40.73 -6.02 -22.84
N TYR I 52 42.03 -6.26 -22.71
CA TYR I 52 42.76 -7.22 -23.53
C TYR I 52 42.57 -6.94 -25.02
N PHE I 53 43.01 -5.76 -25.46
CA PHE I 53 42.78 -5.33 -26.82
C PHE I 53 44.01 -4.66 -27.40
N HIS I 54 44.03 -4.56 -28.73
CA HIS I 54 45.00 -3.79 -29.49
C HIS I 54 44.25 -2.85 -30.41
N ALA I 55 44.53 -1.55 -30.33
CA ALA I 55 43.74 -0.54 -31.00
C ALA I 55 44.63 0.54 -31.59
N ARG I 56 44.28 1.00 -32.79
CA ARG I 56 45.03 2.04 -33.49
C ARG I 56 44.06 3.05 -34.07
N GLY I 57 44.21 4.31 -33.69
CA GLY I 57 43.57 5.41 -34.39
C GLY I 57 42.06 5.45 -34.36
N ASN I 58 41.43 4.60 -33.55
CA ASN I 58 39.98 4.67 -33.43
C ASN I 58 39.55 5.87 -32.58
N TYR I 59 38.26 6.19 -32.66
CA TYR I 59 37.66 7.30 -31.91
C TYR I 59 38.26 8.64 -32.30
N ASP I 60 38.67 8.77 -33.56
CA ASP I 60 39.16 10.05 -34.06
C ASP I 60 38.09 11.13 -33.91
N ALA I 61 38.40 12.17 -33.14
CA ALA I 61 37.51 13.31 -32.95
C ALA I 61 36.11 12.90 -32.53
N ALA I 62 36.00 11.78 -31.82
CA ALA I 62 34.73 11.23 -31.40
C ALA I 62 34.42 11.61 -29.95
N GLN I 63 33.16 11.40 -29.57
CA GLN I 63 32.68 11.66 -28.21
C GLN I 63 32.26 10.34 -27.59
N ARG I 64 32.80 10.03 -26.41
CA ARG I 64 32.50 8.77 -25.74
C ARG I 64 32.03 9.01 -24.31
N GLY I 65 30.96 8.30 -23.94
CA GLY I 65 30.44 8.31 -22.59
C GLY I 65 31.38 7.62 -21.62
N PRO I 66 31.06 7.66 -20.31
CA PRO I 66 29.87 8.15 -19.61
C PRO I 66 29.71 9.67 -19.60
N GLY I 67 28.46 10.15 -19.71
CA GLY I 67 28.19 11.56 -19.54
C GLY I 67 26.82 11.79 -18.96
N GLY I 68 26.45 13.07 -18.88
CA GLY I 68 25.14 13.45 -18.38
C GLY I 68 24.98 13.23 -16.88
N ALA I 69 23.78 12.81 -16.49
CA ALA I 69 23.43 12.55 -15.09
C ALA I 69 23.28 11.05 -14.88
N TRP I 70 24.23 10.44 -14.17
CA TRP I 70 24.22 8.99 -14.00
C TRP I 70 24.91 8.61 -12.71
N ALA I 71 24.65 7.38 -12.27
CA ALA I 71 25.27 6.82 -11.08
C ALA I 71 25.38 5.30 -11.21
N ALA I 72 26.48 4.75 -10.70
CA ALA I 72 26.70 3.30 -10.65
C ALA I 72 26.89 2.89 -9.20
N LYS I 73 26.08 1.94 -8.74
CA LYS I 73 26.11 1.48 -7.35
C LYS I 73 26.17 -0.03 -7.29
N VAL I 74 27.04 -0.56 -6.44
CA VAL I 74 27.15 -1.98 -6.16
C VAL I 74 27.00 -2.18 -4.66
N ILE I 75 26.02 -2.98 -4.26
CA ILE I 75 25.69 -3.18 -2.85
C ILE I 75 25.53 -4.68 -2.62
N SER I 76 26.01 -5.17 -1.47
CA SER I 76 25.79 -6.56 -1.09
C SER I 76 24.57 -6.73 -0.19
N ASP I 77 24.58 -6.08 0.97
CA ASP I 77 23.49 -6.18 1.93
C ASP I 77 23.06 -4.78 2.34
N ALA I 78 21.74 -4.51 2.31
CA ALA I 78 21.26 -3.19 2.65
C ALA I 78 19.80 -3.28 3.06
N ARG I 79 19.44 -2.50 4.08
CA ARG I 79 18.07 -2.40 4.59
C ARG I 79 17.64 -0.94 4.50
N GLU I 80 16.45 -0.70 3.95
CA GLU I 80 15.93 0.66 3.83
C GLU I 80 14.46 0.70 4.21
N ASN I 81 14.09 -0.08 5.23
CA ASN I 81 12.70 -0.14 5.68
C ASN I 81 12.21 1.24 6.14
N SER I 82 10.89 1.38 6.15
CA SER I 82 10.22 2.54 6.73
C SER I 82 8.89 2.06 7.32
N GLN I 83 8.47 2.66 8.42
CA GLN I 83 7.26 2.21 9.10
C GLN I 83 6.43 3.38 9.61
N ARG I 84 5.12 3.16 9.63
CA ARG I 84 4.11 4.15 10.03
C ARG I 84 3.17 3.51 11.04
N VAL I 85 3.35 3.82 12.33
CA VAL I 85 2.51 3.28 13.41
C VAL I 85 1.68 4.41 13.99
N THR I 86 0.36 4.20 14.03
CA THR I 86 -0.59 5.20 14.52
C THR I 86 -1.69 4.52 15.32
N ASP I 87 -2.14 5.19 16.38
CA ASP I 87 -3.36 4.80 17.10
C ASP I 87 -3.29 3.37 17.63
N PHE I 88 -2.35 3.14 18.55
CA PHE I 88 -2.10 1.83 19.13
C PHE I 88 -2.48 1.88 20.61
N PHE I 89 -3.47 1.08 20.99
CA PHE I 89 -4.01 1.05 22.35
C PHE I 89 -3.81 -0.34 22.95
N ARG I 90 -3.27 -0.39 24.16
CA ARG I 90 -3.01 -1.65 24.85
C ARG I 90 -3.49 -1.56 26.28
N HIS I 91 -4.28 -2.54 26.70
CA HIS I 91 -4.78 -2.65 28.07
C HIS I 91 -4.40 -4.01 28.64
N GLY I 92 -4.27 -4.08 29.96
CA GLY I 92 -3.90 -5.31 30.62
C GLY I 92 -5.07 -6.12 31.13
N ASN I 93 -4.94 -6.69 32.33
CA ASN I 93 -5.98 -7.51 32.92
C ASN I 93 -6.91 -6.67 33.78
N SER I 94 -8.20 -6.96 33.67
CA SER I 94 -9.21 -6.32 34.51
C SER I 94 -9.79 -7.31 35.51
N GLU J 19 -11.79 -29.49 13.00
CA GLU J 19 -12.06 -28.55 11.91
C GLU J 19 -10.76 -28.05 11.29
N TRP J 20 -10.57 -28.41 10.02
CA TRP J 20 -9.39 -28.04 9.24
C TRP J 20 -9.89 -27.50 7.92
N TYR J 21 -9.72 -26.18 7.70
CA TYR J 21 -10.18 -25.55 6.47
C TYR J 21 -9.05 -24.81 5.78
N SER J 22 -9.07 -24.86 4.45
CA SER J 22 -8.13 -24.12 3.61
C SER J 22 -8.90 -23.61 2.40
N PHE J 23 -8.44 -22.50 1.83
CA PHE J 23 -9.13 -21.91 0.69
C PHE J 23 -8.25 -21.85 -0.55
N LEU J 24 -7.03 -21.34 -0.43
CA LEU J 24 -5.98 -21.50 -1.44
C LEU J 24 -4.73 -21.83 -0.64
N GLY J 25 -4.32 -23.10 -0.63
CA GLY J 25 -3.34 -23.50 0.34
C GLY J 25 -2.34 -24.54 -0.10
N GLU J 26 -1.06 -24.25 0.14
CA GLU J 26 0.02 -25.20 -0.08
C GLU J 26 0.35 -25.77 1.29
N ALA J 27 -0.18 -26.96 1.57
CA ALA J 27 -0.01 -27.64 2.84
C ALA J 27 0.64 -29.00 2.61
N ALA J 28 1.77 -29.24 3.28
CA ALA J 28 2.49 -30.49 3.16
C ALA J 28 2.68 -31.09 4.55
N GLN J 29 2.27 -32.34 4.71
CA GLN J 29 2.35 -33.05 5.98
C GLN J 29 3.26 -34.27 5.86
N GLY J 30 4.36 -34.14 5.14
CA GLY J 30 5.22 -35.27 4.89
C GLY J 30 6.62 -34.88 4.50
N ALA J 31 7.29 -35.80 3.81
CA ALA J 31 8.71 -35.68 3.47
C ALA J 31 8.90 -35.60 1.96
N TRP J 32 9.87 -34.79 1.54
CA TRP J 32 10.21 -34.66 0.12
C TRP J 32 9.02 -34.21 -0.72
N ASP J 33 8.21 -33.32 -0.19
CA ASP J 33 7.01 -32.84 -0.87
C ASP J 33 7.14 -31.41 -1.37
N MET J 34 6.60 -31.18 -2.57
CA MET J 34 6.52 -29.87 -3.22
C MET J 34 7.85 -29.17 -3.44
N TRP J 35 8.97 -29.88 -3.49
CA TRP J 35 10.24 -29.20 -3.74
C TRP J 35 10.48 -29.11 -5.24
N ARG J 36 11.38 -28.19 -5.63
CA ARG J 36 11.69 -27.94 -7.03
C ARG J 36 13.20 -27.80 -7.17
N ALA J 37 13.81 -28.62 -8.03
CA ALA J 37 15.27 -28.74 -8.04
C ALA J 37 15.98 -27.93 -9.13
N TYR J 38 15.64 -28.15 -10.40
CA TYR J 38 16.42 -27.60 -11.51
C TYR J 38 15.60 -26.63 -12.35
N SER J 39 16.11 -25.41 -12.51
CA SER J 39 15.57 -24.42 -13.43
C SER J 39 16.71 -23.92 -14.30
N ASP J 40 16.71 -24.29 -15.58
CA ASP J 40 17.86 -24.14 -16.48
C ASP J 40 17.45 -23.32 -17.70
N MET J 41 17.79 -22.03 -17.74
CA MET J 41 17.45 -21.18 -18.88
C MET J 41 18.70 -20.42 -19.32
N ARG J 42 19.50 -21.06 -20.18
CA ARG J 42 20.76 -20.53 -20.68
C ARG J 42 20.55 -19.73 -21.97
N GLU J 43 21.06 -18.49 -21.98
CA GLU J 43 21.03 -17.65 -23.18
C GLU J 43 19.60 -17.39 -23.66
N ALA J 44 18.68 -17.23 -22.70
CA ALA J 44 17.26 -17.21 -23.01
C ALA J 44 16.89 -16.03 -23.89
N ASN J 45 17.43 -14.83 -23.61
CA ASN J 45 16.88 -13.58 -24.13
C ASN J 45 17.95 -12.72 -24.82
N TYR J 46 18.10 -12.91 -26.13
CA TYR J 46 18.96 -12.07 -26.97
C TYR J 46 18.10 -11.11 -27.78
N ILE J 47 18.30 -9.81 -27.56
CA ILE J 47 17.52 -8.76 -28.20
C ILE J 47 18.44 -7.96 -29.09
N GLY J 48 18.20 -8.00 -30.40
CA GLY J 48 19.01 -7.25 -31.34
C GLY J 48 20.49 -7.58 -31.31
N ALA J 49 20.83 -8.84 -31.04
CA ALA J 49 22.21 -9.29 -30.97
C ALA J 49 22.50 -10.19 -32.17
N ASP J 50 23.78 -10.27 -32.54
CA ASP J 50 24.24 -11.12 -33.62
C ASP J 50 25.35 -12.04 -33.12
N LYS J 51 25.49 -13.18 -33.78
CA LYS J 51 26.41 -14.22 -33.32
C LYS J 51 27.04 -14.94 -34.51
N TYR J 52 28.36 -15.12 -34.47
CA TYR J 52 29.06 -16.01 -35.39
C TYR J 52 28.78 -15.65 -36.85
N PHE J 53 29.16 -14.44 -37.24
CA PHE J 53 28.83 -13.95 -38.57
C PHE J 53 30.02 -13.21 -39.18
N HIS J 54 29.94 -13.02 -40.50
CA HIS J 54 30.85 -12.19 -41.26
C HIS J 54 30.02 -11.22 -42.08
N ALA J 55 30.28 -9.93 -41.94
CA ALA J 55 29.42 -8.91 -42.51
C ALA J 55 30.24 -7.76 -43.07
N ARG J 56 29.80 -7.24 -44.22
CA ARG J 56 30.48 -6.13 -44.89
C ARG J 56 29.43 -5.13 -45.35
N GLY J 57 29.56 -3.88 -44.91
CA GLY J 57 28.84 -2.78 -45.50
C GLY J 57 27.33 -2.80 -45.38
N ASN J 58 26.78 -3.73 -44.59
CA ASN J 58 25.34 -3.74 -44.38
C ASN J 58 24.92 -2.62 -43.42
N TYR J 59 23.62 -2.35 -43.40
CA TYR J 59 23.03 -1.33 -42.55
C TYR J 59 23.53 0.07 -42.89
N ASP J 60 23.86 0.30 -44.16
CA ASP J 60 24.25 1.63 -44.61
C ASP J 60 23.15 2.64 -44.34
N ALA J 61 23.46 3.64 -43.53
CA ALA J 61 22.52 4.74 -43.23
C ALA J 61 21.17 4.24 -42.75
N ALA J 62 21.15 3.07 -42.10
CA ALA J 62 19.91 2.45 -41.66
C ALA J 62 19.67 2.73 -40.18
N GLN J 63 18.45 2.46 -39.73
CA GLN J 63 18.04 2.61 -38.34
C GLN J 63 17.72 1.24 -37.77
N ARG J 64 18.34 0.90 -36.64
CA ARG J 64 18.14 -0.41 -36.03
C ARG J 64 17.74 -0.27 -34.56
N GLY J 65 16.74 -1.04 -34.16
CA GLY J 65 16.29 -1.13 -32.79
C GLY J 65 17.31 -1.81 -31.91
N PRO J 66 17.06 -1.86 -30.58
CA PRO J 66 15.88 -1.46 -29.81
C PRO J 66 15.65 0.04 -29.71
N GLY J 67 14.38 0.45 -29.75
CA GLY J 67 14.03 1.84 -29.50
C GLY J 67 12.66 1.96 -28.86
N GLY J 68 12.23 3.21 -28.69
CA GLY J 68 10.91 3.49 -28.14
C GLY J 68 10.82 3.16 -26.65
N ALA J 69 9.66 2.63 -26.26
CA ALA J 69 9.36 2.27 -24.87
C ALA J 69 9.27 0.75 -24.75
N TRP J 70 10.28 0.15 -24.13
CA TRP J 70 10.34 -1.31 -24.05
C TRP J 70 11.10 -1.73 -22.80
N ALA J 71 10.93 -2.98 -22.41
CA ALA J 71 11.66 -3.55 -21.29
C ALA J 71 11.83 -5.05 -21.50
N ALA J 72 12.99 -5.57 -21.07
CA ALA J 72 13.30 -6.99 -21.10
C ALA J 72 13.59 -7.45 -19.68
N LYS J 73 12.87 -8.46 -19.22
CA LYS J 73 13.01 -8.96 -17.85
C LYS J 73 13.14 -10.48 -17.87
N VAL J 74 14.09 -11.00 -17.10
CA VAL J 74 14.28 -12.43 -16.92
C VAL J 74 14.23 -12.71 -15.43
N ILE J 75 13.30 -13.59 -15.02
CA ILE J 75 13.08 -13.90 -13.62
C ILE J 75 13.00 -15.41 -13.47
N SER J 76 13.57 -15.94 -12.39
CA SER J 76 13.44 -17.37 -12.10
C SER J 76 12.29 -17.67 -11.15
N ASP J 77 12.34 -17.10 -9.94
CA ASP J 77 11.32 -17.32 -8.93
C ASP J 77 10.85 -15.98 -8.38
N ALA J 78 9.54 -15.77 -8.32
CA ALA J 78 9.02 -14.50 -7.84
C ALA J 78 7.59 -14.68 -7.36
N ARG J 79 7.25 -14.01 -6.27
CA ARG J 79 5.92 -14.02 -5.70
C ARG J 79 5.41 -12.58 -5.65
N GLU J 80 4.19 -12.36 -6.14
CA GLU J 80 3.60 -11.04 -6.15
C GLU J 80 2.15 -11.10 -5.70
N ASN J 81 1.85 -11.97 -4.75
CA ASN J 81 0.48 -12.14 -4.25
C ASN J 81 -0.06 -10.82 -3.69
N SER J 82 -1.39 -10.74 -3.62
CA SER J 82 -2.07 -9.67 -2.94
C SER J 82 -3.36 -10.22 -2.33
N GLN J 83 -3.74 -9.71 -1.16
CA GLN J 83 -4.89 -10.23 -0.44
C GLN J 83 -5.70 -9.10 0.19
N ARG J 84 -7.01 -9.34 0.29
CA ARG J 84 -7.97 -8.38 0.82
C ARG J 84 -8.84 -9.10 1.85
N VAL J 85 -8.59 -8.87 3.14
CA VAL J 85 -9.33 -9.52 4.22
C VAL J 85 -10.17 -8.46 4.93
N THR J 86 -11.47 -8.72 5.04
CA THR J 86 -12.42 -7.80 5.66
C THR J 86 -13.45 -8.56 6.48
N ASP J 87 -13.86 -7.96 7.60
CA ASP J 87 -15.01 -8.42 8.37
C ASP J 87 -14.88 -9.87 8.83
N PHE J 88 -13.87 -10.11 9.68
CA PHE J 88 -13.56 -11.44 10.19
C PHE J 88 -13.86 -11.46 11.69
N PHE J 89 -14.80 -12.33 12.08
CA PHE J 89 -15.28 -12.43 13.45
C PHE J 89 -15.00 -13.84 13.98
N ARG J 90 -14.41 -13.92 15.17
CA ARG J 90 -14.09 -15.20 15.79
C ARG J 90 -14.49 -15.18 17.25
N HIS J 91 -15.24 -16.21 17.65
CA HIS J 91 -15.66 -16.43 19.03
C HIS J 91 -15.21 -17.81 19.49
N GLY J 92 -15.01 -17.94 20.80
CA GLY J 92 -14.56 -19.20 21.36
C GLY J 92 -15.69 -20.08 21.87
N ASN J 93 -15.46 -20.73 23.01
CA ASN J 93 -16.43 -21.64 23.61
C ASN J 93 -17.33 -20.91 24.60
N SER J 94 -18.62 -21.23 24.55
CA SER J 94 -19.58 -20.70 25.51
C SER J 94 -20.05 -21.80 26.45
#